data_5DS6
#
_entry.id   5DS6
#
_cell.length_a   88.020
_cell.length_b   123.006
_cell.length_c   196.012
_cell.angle_alpha   90.00
_cell.angle_beta   90.00
_cell.angle_gamma   90.00
#
_symmetry.space_group_name_H-M   'P 21 21 21'
#
loop_
_entity.id
_entity.type
_entity.pdbx_description
1 polymer 'CRISPR-associated endonuclease Cas1'
2 polymer 'CRISPR-associated endoribonuclease Cas2'
3 polymer 'DNA (29-MER)'
4 polymer 'DNA (28-MER)'
#
loop_
_entity_poly.entity_id
_entity_poly.type
_entity_poly.pdbx_seq_one_letter_code
_entity_poly.pdbx_strand_id
1 'polypeptide(L)'
;SMTWLPLNPIPLKDRVSMIFLQYGQIDVIDGAFVLIDKTGIRTHIPVGSVACIMLEPGTRVSHAAVRLAAQVGTLLVWVG
EAGVRVYASGQPGGARSDKLLYQAKLALDEDLRLKVVRKMFELRFGEPAPARRSVEQLRGIEGSRVRATYALLAKQYGVT
WNGRRYDPKDWEKGDTINQCISAATSCLYGVTEAAILAAGYAPAIGFVHTGKPLSFVYDIADIIKFDTVVPKAFEIARRN
PGEPDREVRLACRDIFRSSKTLAKLIPLIEDVLAAGEIQPPAPPEDAQPVAIPLPVSLGDAGHRSS
;
A,B,C,D
2 'polypeptide(L)'
;MMSMLVVVTENVPPRLRGRLAIWLLEVRAGVYVGDVSAKIREMIWEQIAGLAEEGNVVMAWATNTETGFEFQTFGLNRRT
PVDLDGLRLVSFLPVGSSENLYFQ
;
E,F
3 'polydeoxyribonucleotide'
;(DC)(DA)(DT)(DC)(DT)(DA)(DA)(DA)(DC)(DA)(DC)(DC)(DA)(DG)(DA)(DA)(DC)(DG)(DA)(DG)
(DT)(DA)(DG)(DT)(DA)(DA)(DA)(DT)(DT)(DG)(DG)(DG)(DC)
;
G
4 'polydeoxyribonucleotide'
;(DT)(DA)(DA)(DA)(DC)(DA)(DT)(DT)(DT)(DA)(DC)(DT)(DA)(DC)(DT)(DC)(DG)(DT)(DT)(DC)
(DT)(DG)(DG)(DT)(DG)(DT)(DT)(DT)(DC)(DT)(DC)(DG)(DT)
;
H
#
loop_
_chem_comp.id
_chem_comp.type
_chem_comp.name
_chem_comp.formula
DA DNA linking 2'-DEOXYADENOSINE-5'-MONOPHOSPHATE 'C10 H14 N5 O6 P'
DC DNA linking 2'-DEOXYCYTIDINE-5'-MONOPHOSPHATE 'C9 H14 N3 O7 P'
DG DNA linking 2'-DEOXYGUANOSINE-5'-MONOPHOSPHATE 'C10 H14 N5 O7 P'
DT DNA linking THYMIDINE-5'-MONOPHOSPHATE 'C10 H15 N2 O8 P'
#
# COMPACT_ATOMS: atom_id res chain seq x y z
N VAL A 16 31.89 -0.05 44.86
CA VAL A 16 30.59 -0.52 45.31
C VAL A 16 29.53 0.59 45.29
N SER A 17 29.96 1.84 45.39
CA SER A 17 29.01 2.94 45.44
C SER A 17 28.30 3.18 44.11
N MET A 18 27.59 4.29 44.02
CA MET A 18 26.82 4.64 42.85
C MET A 18 26.91 6.15 42.61
N ILE A 19 26.60 6.60 41.41
CA ILE A 19 26.65 8.04 41.11
C ILE A 19 25.43 8.45 40.29
N PHE A 20 24.96 9.68 40.53
CA PHE A 20 23.86 10.26 39.77
C PHE A 20 24.43 11.40 38.95
N LEU A 21 24.31 11.30 37.63
CA LEU A 21 24.82 12.35 36.77
C LEU A 21 23.68 13.06 36.04
N GLN A 22 23.74 14.39 36.02
CA GLN A 22 22.73 15.17 35.34
C GLN A 22 23.36 16.34 34.61
N TYR A 23 22.63 16.84 33.62
CA TYR A 23 22.99 18.03 32.86
C TYR A 23 24.43 17.92 32.37
N GLY A 24 24.67 17.06 31.38
CA GLY A 24 26.01 16.91 30.85
C GLY A 24 26.13 15.79 29.84
N GLN A 25 27.23 15.78 29.10
CA GLN A 25 27.52 14.70 28.17
C GLN A 25 28.51 13.72 28.77
N ILE A 26 28.28 12.42 28.60
CA ILE A 26 29.16 11.41 29.16
C ILE A 26 30.08 10.85 28.09
N ASP A 27 31.32 11.32 28.05
CA ASP A 27 32.28 10.84 27.07
C ASP A 27 33.54 10.28 27.72
N VAL A 28 34.45 9.78 26.89
CA VAL A 28 35.76 9.33 27.34
C VAL A 28 36.82 10.06 26.52
N ILE A 29 37.65 10.87 27.17
CA ILE A 29 38.65 11.65 26.45
C ILE A 29 40.09 11.27 26.79
N ASP A 30 40.27 10.46 27.83
CA ASP A 30 41.63 10.03 28.19
C ASP A 30 41.62 8.64 28.83
N GLY A 31 40.61 7.85 28.50
CA GLY A 31 40.49 6.50 29.02
C GLY A 31 39.87 6.56 30.40
N ALA A 32 39.16 7.64 30.65
CA ALA A 32 38.50 7.86 31.93
C ALA A 32 37.11 8.46 31.73
N PHE A 33 36.17 8.11 32.60
CA PHE A 33 34.83 8.68 32.54
C PHE A 33 34.86 10.16 32.87
N VAL A 34 34.41 10.98 31.93
CA VAL A 34 34.36 12.41 32.16
C VAL A 34 32.95 12.94 31.91
N LEU A 35 32.64 14.04 32.58
CA LEU A 35 31.34 14.71 32.42
C LEU A 35 31.54 16.11 31.88
N ILE A 36 31.24 16.29 30.61
CA ILE A 36 31.41 17.57 29.93
C ILE A 36 30.19 18.46 30.13
N ASP A 37 30.43 19.75 30.29
CA ASP A 37 29.37 20.71 30.50
C ASP A 37 29.20 21.59 29.26
N LYS A 38 28.21 22.48 29.28
CA LYS A 38 28.01 23.43 28.19
C LYS A 38 29.32 24.15 27.90
N THR A 39 29.91 24.65 28.97
CA THR A 39 31.20 25.33 28.97
C THR A 39 32.39 24.41 28.69
N GLY A 40 32.21 23.13 28.95
CA GLY A 40 33.24 22.13 28.70
C GLY A 40 34.06 21.86 29.95
N ILE A 41 33.41 21.95 31.11
CA ILE A 41 34.04 21.61 32.37
C ILE A 41 33.99 20.10 32.52
N ARG A 42 35.06 19.50 33.00
CA ARG A 42 35.08 18.04 33.11
C ARG A 42 35.04 17.60 34.57
N THR A 43 34.55 16.39 34.77
CA THR A 43 34.51 15.80 36.10
C THR A 43 34.96 14.37 35.89
N HIS A 44 36.07 14.02 36.52
CA HIS A 44 36.64 12.70 36.31
C HIS A 44 36.09 11.69 37.29
N ILE A 45 35.67 10.56 36.76
CA ILE A 45 35.06 9.51 37.55
C ILE A 45 35.86 8.22 37.43
N PRO A 46 36.33 7.69 38.56
CA PRO A 46 37.09 6.44 38.60
C PRO A 46 36.23 5.26 38.19
N VAL A 47 36.67 4.53 37.18
CA VAL A 47 35.87 3.44 36.62
C VAL A 47 35.68 2.37 37.69
N GLY A 48 36.64 2.29 38.61
CA GLY A 48 36.54 1.38 39.73
C GLY A 48 35.70 2.10 40.77
N SER A 49 35.29 1.41 41.82
CA SER A 49 34.45 1.98 42.88
C SER A 49 33.00 2.22 42.44
N VAL A 50 32.74 2.32 41.14
CA VAL A 50 31.36 2.54 40.70
C VAL A 50 30.77 1.24 40.16
N ALA A 51 29.66 0.82 40.75
CA ALA A 51 28.97 -0.39 40.33
C ALA A 51 27.76 -0.11 39.44
N CYS A 52 27.31 1.13 39.48
CA CYS A 52 26.10 1.53 38.74
C CYS A 52 25.99 3.04 38.60
N ILE A 53 25.77 3.50 37.37
CA ILE A 53 25.66 4.93 37.11
C ILE A 53 24.24 5.34 36.69
N MET A 54 23.62 6.19 37.49
CA MET A 54 22.27 6.67 37.22
C MET A 54 22.31 7.93 36.35
N LEU A 55 21.53 7.93 35.28
CA LEU A 55 21.50 9.05 34.34
C LEU A 55 20.20 9.84 34.45
N GLU A 56 20.28 11.03 35.04
CA GLU A 56 19.11 11.89 35.20
C GLU A 56 18.86 12.62 33.88
N PRO A 57 17.65 13.20 33.71
CA PRO A 57 17.35 13.94 32.48
C PRO A 57 18.35 15.04 32.17
N GLY A 58 18.62 15.25 30.88
CA GLY A 58 19.58 16.24 30.42
C GLY A 58 20.90 15.62 30.04
N THR A 59 21.03 14.32 30.24
CA THR A 59 22.27 13.60 29.95
C THR A 59 22.29 12.99 28.55
N ARG A 60 23.47 13.02 27.92
CA ARG A 60 23.67 12.44 26.60
C ARG A 60 24.93 11.56 26.59
N VAL A 61 24.72 10.25 26.59
CA VAL A 61 25.84 9.30 26.63
C VAL A 61 26.48 9.11 25.26
N SER A 62 27.80 8.95 25.24
CA SER A 62 28.53 8.67 24.01
C SER A 62 28.80 7.17 23.90
N HIS A 63 29.13 6.72 22.70
CA HIS A 63 29.39 5.30 22.45
C HIS A 63 30.61 4.80 23.22
N ALA A 64 31.66 5.62 23.24
CA ALA A 64 32.89 5.27 23.92
C ALA A 64 32.66 5.07 25.42
N ALA A 65 31.76 5.89 25.98
CA ALA A 65 31.41 5.79 27.39
C ALA A 65 30.73 4.46 27.67
N VAL A 66 29.75 4.13 26.83
CA VAL A 66 29.01 2.88 26.97
C VAL A 66 29.94 1.68 26.74
N ARG A 67 30.88 1.84 25.82
CA ARG A 67 31.85 0.80 25.52
C ARG A 67 32.73 0.52 26.75
N LEU A 68 33.20 1.60 27.36
CA LEU A 68 34.04 1.49 28.56
C LEU A 68 33.28 0.89 29.73
N ALA A 69 32.05 1.37 29.95
CA ALA A 69 31.24 0.92 31.08
C ALA A 69 30.92 -0.57 30.99
N ALA A 70 30.82 -1.08 29.76
CA ALA A 70 30.55 -2.50 29.54
C ALA A 70 31.78 -3.34 29.91
N GLN A 71 32.95 -2.86 29.52
CA GLN A 71 34.21 -3.57 29.75
C GLN A 71 34.48 -3.79 31.23
N VAL A 72 34.07 -2.83 32.05
CA VAL A 72 34.32 -2.90 33.49
C VAL A 72 33.16 -3.51 34.28
N GLY A 73 32.04 -3.77 33.62
CA GLY A 73 30.92 -4.43 34.27
C GLY A 73 30.04 -3.51 35.08
N THR A 74 29.91 -2.26 34.65
CA THR A 74 29.08 -1.28 35.35
C THR A 74 27.71 -1.15 34.69
N LEU A 75 26.66 -1.18 35.51
CA LEU A 75 25.29 -1.11 35.03
C LEU A 75 24.84 0.33 34.79
N LEU A 76 24.20 0.56 33.65
CA LEU A 76 23.69 1.87 33.29
C LEU A 76 22.16 1.94 33.41
N VAL A 77 21.67 2.84 34.25
CA VAL A 77 20.23 3.01 34.44
C VAL A 77 19.77 4.44 34.14
N TRP A 78 18.84 4.59 33.22
CA TRP A 78 18.26 5.90 32.93
C TRP A 78 17.09 6.23 33.84
N VAL A 79 17.32 7.19 34.73
CA VAL A 79 16.37 7.59 35.76
C VAL A 79 15.89 9.02 35.58
N GLY A 80 14.82 9.38 36.27
CA GLY A 80 14.36 10.75 36.25
C GLY A 80 15.16 11.53 37.29
N GLU A 81 14.61 12.62 37.81
CA GLU A 81 15.34 13.41 38.79
C GLU A 81 15.48 12.67 40.12
N ALA A 82 16.71 12.48 40.56
CA ALA A 82 17.01 11.79 41.82
C ALA A 82 16.42 10.37 41.84
N GLY A 83 16.31 9.74 40.67
CA GLY A 83 15.85 8.36 40.61
C GLY A 83 14.36 8.25 40.85
N VAL A 84 13.64 9.36 40.69
CA VAL A 84 12.20 9.40 40.93
C VAL A 84 11.42 8.45 40.02
N ARG A 85 11.89 8.29 38.78
CA ARG A 85 11.21 7.44 37.79
C ARG A 85 12.24 6.72 36.92
N VAL A 86 12.01 5.44 36.66
CA VAL A 86 12.90 4.67 35.81
C VAL A 86 12.30 4.54 34.42
N TYR A 87 13.13 4.71 33.39
CA TYR A 87 12.68 4.70 32.01
C TYR A 87 13.35 3.59 31.22
N ALA A 88 14.66 3.48 31.38
CA ALA A 88 15.42 2.44 30.70
C ALA A 88 16.60 1.99 31.55
N SER A 89 16.90 0.70 31.51
CA SER A 89 18.01 0.14 32.26
C SER A 89 18.93 -0.65 31.35
N GLY A 90 20.23 -0.60 31.62
CA GLY A 90 21.17 -1.38 30.85
C GLY A 90 20.98 -2.84 31.22
N GLN A 91 21.56 -3.73 30.44
CA GLN A 91 21.44 -5.17 30.66
C GLN A 91 19.99 -5.55 30.99
N PRO A 92 19.08 -5.39 30.01
CA PRO A 92 17.67 -5.67 30.26
C PRO A 92 17.37 -7.14 30.52
N GLY A 93 16.40 -7.40 31.39
CA GLY A 93 16.02 -8.75 31.74
C GLY A 93 16.75 -9.20 32.99
N GLY A 94 17.97 -8.69 33.15
CA GLY A 94 18.80 -9.03 34.28
C GLY A 94 20.27 -9.14 33.90
N ALA A 95 21.15 -8.84 34.84
CA ALA A 95 22.60 -8.86 34.59
C ALA A 95 23.27 -10.22 34.79
N ARG A 96 23.30 -10.69 36.04
CA ARG A 96 23.90 -11.99 36.34
C ARG A 96 22.82 -13.05 36.54
N SER A 97 23.04 -14.23 35.97
CA SER A 97 22.03 -15.29 35.99
C SER A 97 21.74 -15.87 37.37
N ASP A 98 22.78 -16.06 38.17
CA ASP A 98 22.66 -16.66 39.49
C ASP A 98 21.78 -15.86 40.45
N LYS A 99 21.99 -14.54 40.49
CA LYS A 99 21.22 -13.69 41.39
C LYS A 99 19.75 -13.64 41.02
N LEU A 100 19.44 -13.90 39.77
CA LEU A 100 18.05 -13.97 39.32
C LEU A 100 17.47 -15.28 39.82
N LEU A 101 18.23 -16.36 39.63
CA LEU A 101 17.84 -17.69 40.11
C LEU A 101 17.77 -17.72 41.63
N TYR A 102 18.64 -16.96 42.28
CA TYR A 102 18.62 -16.81 43.73
C TYR A 102 17.30 -16.25 44.25
N GLN A 103 16.85 -15.18 43.61
CA GLN A 103 15.56 -14.57 43.93
C GLN A 103 14.42 -15.55 43.62
N ALA A 104 14.58 -16.27 42.52
CA ALA A 104 13.57 -17.21 42.05
C ALA A 104 13.32 -18.35 43.03
N LYS A 105 14.40 -19.01 43.46
CA LYS A 105 14.29 -20.14 44.39
C LYS A 105 13.53 -19.75 45.65
N LEU A 106 13.74 -18.53 46.10
CA LEU A 106 13.03 -18.00 47.28
C LEU A 106 11.55 -17.87 46.99
N ALA A 107 11.20 -17.68 45.72
CA ALA A 107 9.82 -17.47 45.32
C ALA A 107 9.11 -18.78 44.97
N LEU A 108 9.89 -19.78 44.57
CA LEU A 108 9.30 -21.04 44.12
C LEU A 108 8.98 -21.94 45.31
N ASP A 109 9.61 -21.67 46.44
CA ASP A 109 9.35 -22.41 47.66
C ASP A 109 8.58 -21.52 48.62
N GLU A 110 7.35 -21.89 48.92
CA GLU A 110 6.47 -21.05 49.73
C GLU A 110 6.87 -21.02 51.21
N ASP A 111 7.65 -22.01 51.62
CA ASP A 111 8.21 -22.00 52.97
C ASP A 111 9.23 -20.87 53.07
N LEU A 112 10.03 -20.71 52.02
CA LEU A 112 11.02 -19.64 51.98
C LEU A 112 10.37 -18.31 51.64
N ARG A 113 9.15 -18.37 51.12
CA ARG A 113 8.37 -17.18 50.81
C ARG A 113 7.94 -16.51 52.11
N LEU A 114 7.45 -17.32 53.04
CA LEU A 114 6.99 -16.85 54.35
C LEU A 114 8.10 -16.11 55.10
N LYS A 115 9.24 -16.76 55.26
CA LYS A 115 10.43 -16.17 55.85
C LYS A 115 10.73 -14.74 55.40
N VAL A 116 10.75 -14.52 54.08
CA VAL A 116 11.06 -13.19 53.57
C VAL A 116 9.93 -12.20 53.83
N VAL A 117 8.69 -12.68 53.79
CA VAL A 117 7.54 -11.84 54.13
C VAL A 117 7.61 -11.42 55.60
N ARG A 118 8.05 -12.35 56.43
CA ARG A 118 8.21 -12.11 57.87
C ARG A 118 9.24 -11.02 58.14
N LYS A 119 10.32 -11.03 57.38
CA LYS A 119 11.38 -10.04 57.54
C LYS A 119 10.92 -8.67 57.04
N MET A 120 10.22 -8.66 55.91
CA MET A 120 9.59 -7.45 55.40
C MET A 120 8.66 -6.84 56.43
N PHE A 121 7.89 -7.70 57.09
CA PHE A 121 6.98 -7.28 58.16
C PHE A 121 7.75 -6.66 59.32
N GLU A 122 8.80 -7.34 59.77
CA GLU A 122 9.59 -6.88 60.91
C GLU A 122 10.31 -5.56 60.60
N LEU A 123 10.76 -5.40 59.37
CA LEU A 123 11.46 -4.18 58.97
C LEU A 123 10.49 -3.02 58.79
N ARG A 124 9.26 -3.34 58.40
CA ARG A 124 8.25 -2.31 58.17
C ARG A 124 7.79 -1.64 59.46
N PHE A 125 7.40 -2.44 60.44
CA PHE A 125 6.80 -1.92 61.66
C PHE A 125 7.76 -1.92 62.85
N GLY A 126 8.86 -2.65 62.74
CA GLY A 126 9.85 -2.68 63.79
C GLY A 126 9.75 -3.90 64.70
N GLU A 127 8.58 -4.53 64.72
CA GLU A 127 8.37 -5.72 65.54
C GLU A 127 8.20 -6.96 64.66
N PRO A 128 8.71 -8.11 65.11
CA PRO A 128 8.53 -9.37 64.40
C PRO A 128 7.06 -9.73 64.26
N ALA A 129 6.70 -10.37 63.14
CA ALA A 129 5.33 -10.79 62.91
C ALA A 129 4.93 -11.86 63.91
N PRO A 130 3.65 -11.90 64.29
CA PRO A 130 3.16 -12.97 65.16
C PRO A 130 3.36 -14.33 64.51
N ALA A 131 3.74 -15.33 65.29
CA ALA A 131 4.06 -16.64 64.75
C ALA A 131 2.81 -17.35 64.25
N ARG A 132 3.00 -18.41 63.49
CA ARG A 132 1.91 -19.22 62.96
C ARG A 132 0.96 -18.39 62.11
N ARG A 133 1.50 -17.59 61.21
CA ARG A 133 0.67 -16.81 60.29
C ARG A 133 1.12 -17.00 58.84
N SER A 134 0.16 -17.34 57.97
CA SER A 134 0.48 -17.54 56.56
C SER A 134 0.65 -16.18 55.91
N VAL A 135 1.04 -16.18 54.63
CA VAL A 135 1.24 -14.93 53.90
C VAL A 135 -0.04 -14.09 53.90
N GLU A 136 -1.14 -14.72 53.51
CA GLU A 136 -2.43 -14.06 53.39
C GLU A 136 -3.06 -13.66 54.74
N GLN A 137 -2.61 -14.27 55.83
CA GLN A 137 -3.03 -13.81 57.15
C GLN A 137 -2.26 -12.54 57.51
N LEU A 138 -0.99 -12.51 57.12
CA LEU A 138 -0.14 -11.35 57.35
C LEU A 138 -0.61 -10.13 56.56
N ARG A 139 -1.09 -10.37 55.34
CA ARG A 139 -1.65 -9.30 54.52
C ARG A 139 -2.83 -8.65 55.22
N GLY A 140 -3.62 -9.45 55.93
CA GLY A 140 -4.72 -8.94 56.73
C GLY A 140 -4.27 -8.06 57.89
N ILE A 141 -3.24 -8.52 58.60
CA ILE A 141 -2.71 -7.79 59.75
C ILE A 141 -2.07 -6.45 59.34
N GLU A 142 -1.23 -6.50 58.33
CA GLU A 142 -0.54 -5.28 57.87
C GLU A 142 -1.54 -4.29 57.27
N GLY A 143 -2.57 -4.81 56.61
CA GLY A 143 -3.59 -3.98 56.01
C GLY A 143 -4.36 -3.14 57.02
N SER A 144 -4.65 -3.72 58.18
CA SER A 144 -5.41 -3.02 59.21
C SER A 144 -4.62 -1.89 59.85
N ARG A 145 -3.32 -2.10 60.01
CA ARG A 145 -2.46 -1.09 60.62
C ARG A 145 -2.16 0.05 59.64
N VAL A 146 -2.17 -0.25 58.34
CA VAL A 146 -1.92 0.75 57.32
C VAL A 146 -3.03 1.81 57.29
N ARG A 147 -4.28 1.34 57.27
CA ARG A 147 -5.42 2.25 57.30
C ARG A 147 -5.47 3.01 58.62
N ALA A 148 -4.96 2.37 59.67
CA ALA A 148 -4.86 3.00 60.98
C ALA A 148 -3.85 4.13 60.95
N THR A 149 -2.68 3.83 60.38
CA THR A 149 -1.63 4.83 60.20
C THR A 149 -2.14 6.03 59.42
N TYR A 150 -2.72 5.77 58.24
CA TYR A 150 -3.28 6.83 57.40
C TYR A 150 -4.19 7.75 58.20
N ALA A 151 -5.07 7.15 59.00
CA ALA A 151 -5.98 7.91 59.85
C ALA A 151 -5.20 8.69 60.90
N LEU A 152 -4.18 8.06 61.47
CA LEU A 152 -3.39 8.70 62.52
C LEU A 152 -2.63 9.90 61.97
N LEU A 153 -2.01 9.73 60.80
CA LEU A 153 -1.31 10.81 60.12
C LEU A 153 -2.27 11.94 59.74
N ALA A 154 -3.48 11.55 59.36
CA ALA A 154 -4.52 12.54 59.00
C ALA A 154 -4.86 13.44 60.18
N LYS A 155 -4.75 12.91 61.39
CA LYS A 155 -5.01 13.68 62.60
C LYS A 155 -3.79 14.52 62.96
N GLN A 156 -2.61 14.01 62.65
CA GLN A 156 -1.37 14.70 62.97
C GLN A 156 -1.22 15.98 62.15
N TYR A 157 -1.62 15.91 60.88
CA TYR A 157 -1.54 17.07 60.00
C TYR A 157 -2.87 17.78 59.90
N GLY A 158 -3.93 17.13 60.38
CA GLY A 158 -5.25 17.72 60.40
C GLY A 158 -5.86 17.84 59.00
N VAL A 159 -5.97 16.70 58.32
CA VAL A 159 -6.59 16.67 57.00
C VAL A 159 -7.82 15.78 56.99
N THR A 160 -8.69 15.99 55.99
CA THR A 160 -9.93 15.22 55.88
C THR A 160 -9.68 13.88 55.21
N TRP A 161 -9.80 12.80 55.98
CA TRP A 161 -9.54 11.46 55.49
C TRP A 161 -10.78 10.56 55.62
N ASN A 162 -11.12 9.87 54.55
CA ASN A 162 -12.27 8.96 54.56
C ASN A 162 -11.98 7.61 53.93
N GLY A 163 -10.94 7.55 53.11
CA GLY A 163 -10.61 6.31 52.42
C GLY A 163 -9.35 6.40 51.57
N ARG A 164 -8.98 5.28 50.96
CA ARG A 164 -7.79 5.24 50.11
C ARG A 164 -8.18 4.88 48.67
N THR A 176 -7.98 15.11 46.79
CA THR A 176 -6.74 15.88 46.79
C THR A 176 -5.63 15.17 47.56
N ILE A 177 -5.98 14.62 48.72
CA ILE A 177 -5.03 13.89 49.56
C ILE A 177 -4.53 12.62 48.87
N ASN A 178 -5.45 11.84 48.30
CA ASN A 178 -5.09 10.61 47.61
C ASN A 178 -4.22 10.88 46.39
N GLN A 179 -4.42 12.04 45.78
CA GLN A 179 -3.61 12.46 44.64
C GLN A 179 -2.17 12.71 45.06
N CYS A 180 -1.97 13.25 46.25
CA CYS A 180 -0.64 13.52 46.78
C CYS A 180 0.07 12.23 47.13
N ILE A 181 -0.65 11.33 47.80
CA ILE A 181 -0.09 10.03 48.18
C ILE A 181 0.29 9.20 46.96
N SER A 182 -0.63 9.14 46.00
CA SER A 182 -0.41 8.37 44.77
C SER A 182 0.76 8.91 43.97
N ALA A 183 0.88 10.23 43.92
CA ALA A 183 1.99 10.88 43.24
C ALA A 183 3.28 10.56 43.97
N ALA A 184 3.21 10.59 45.30
CA ALA A 184 4.37 10.32 46.15
C ALA A 184 4.86 8.89 46.01
N THR A 185 3.94 7.93 46.06
CA THR A 185 4.29 6.51 45.95
C THR A 185 4.93 6.19 44.60
N SER A 186 4.44 6.83 43.54
CA SER A 186 5.00 6.63 42.20
C SER A 186 6.46 7.08 42.16
N CYS A 187 6.75 8.15 42.88
CA CYS A 187 8.12 8.65 43.02
C CYS A 187 9.00 7.64 43.74
N LEU A 188 8.44 7.06 44.80
CA LEU A 188 9.14 6.06 45.61
C LEU A 188 9.41 4.80 44.81
N TYR A 189 8.48 4.42 43.95
CA TYR A 189 8.62 3.24 43.11
C TYR A 189 9.80 3.34 42.17
N GLY A 190 10.17 4.58 41.82
CA GLY A 190 11.30 4.82 40.96
C GLY A 190 12.61 4.41 41.60
N VAL A 191 12.95 5.01 42.73
CA VAL A 191 14.20 4.71 43.42
C VAL A 191 14.23 3.26 43.91
N THR A 192 13.07 2.73 44.26
CA THR A 192 12.97 1.34 44.70
C THR A 192 13.30 0.38 43.57
N GLU A 193 12.67 0.58 42.42
CA GLU A 193 12.92 -0.24 41.24
C GLU A 193 14.36 -0.08 40.77
N ALA A 194 14.85 1.15 40.84
CA ALA A 194 16.22 1.48 40.45
C ALA A 194 17.22 0.77 41.37
N ALA A 195 16.83 0.57 42.63
CA ALA A 195 17.67 -0.11 43.60
C ALA A 195 17.73 -1.60 43.30
N ILE A 196 16.58 -2.17 42.95
CA ILE A 196 16.48 -3.59 42.60
C ILE A 196 17.35 -3.87 41.39
N LEU A 197 17.34 -2.95 40.43
CA LEU A 197 18.14 -3.07 39.22
C LEU A 197 19.63 -2.99 39.56
N ALA A 198 19.97 -2.01 40.40
CA ALA A 198 21.36 -1.82 40.79
C ALA A 198 21.85 -3.00 41.61
N ALA A 199 20.95 -3.61 42.38
CA ALA A 199 21.29 -4.77 43.17
C ALA A 199 21.50 -5.97 42.27
N GLY A 200 20.76 -6.03 41.17
CA GLY A 200 20.93 -7.09 40.19
C GLY A 200 19.77 -8.06 40.14
N TYR A 201 18.66 -7.70 40.79
CA TYR A 201 17.50 -8.58 40.86
C TYR A 201 16.39 -8.16 39.91
N ALA A 202 15.35 -8.98 39.81
CA ALA A 202 14.24 -8.73 38.92
C ALA A 202 13.03 -8.15 39.66
N PRO A 203 12.48 -7.04 39.14
CA PRO A 203 11.34 -6.33 39.73
C PRO A 203 10.02 -7.07 39.59
N ALA A 204 9.99 -8.15 38.80
CA ALA A 204 8.75 -8.87 38.53
C ALA A 204 8.48 -9.93 39.59
N ILE A 205 9.54 -10.48 40.17
CA ILE A 205 9.41 -11.53 41.15
C ILE A 205 9.26 -10.96 42.56
N GLY A 206 8.03 -10.87 43.04
CA GLY A 206 7.76 -10.30 44.34
C GLY A 206 7.47 -11.38 45.37
N PHE A 207 7.20 -10.95 46.61
CA PHE A 207 6.96 -11.88 47.71
C PHE A 207 5.60 -11.62 48.34
N VAL A 208 5.36 -10.38 48.75
CA VAL A 208 4.05 -10.01 49.28
C VAL A 208 3.09 -9.79 48.12
N HIS A 209 3.57 -9.05 47.12
CA HIS A 209 2.81 -8.84 45.89
C HIS A 209 3.30 -9.80 44.81
N THR A 210 2.38 -10.34 44.02
CA THR A 210 2.74 -11.29 42.97
C THR A 210 1.93 -11.10 41.69
N GLY A 211 2.44 -11.69 40.60
CA GLY A 211 1.74 -11.70 39.32
C GLY A 211 1.95 -10.51 38.43
N LYS A 212 2.37 -9.39 39.00
CA LYS A 212 2.56 -8.15 38.26
C LYS A 212 4.03 -7.87 38.01
N PRO A 213 4.35 -7.17 36.91
CA PRO A 213 5.75 -6.94 36.52
C PRO A 213 6.54 -6.05 37.48
N LEU A 214 5.84 -5.38 38.40
CA LEU A 214 6.51 -4.56 39.40
C LEU A 214 6.15 -5.03 40.81
N SER A 215 6.00 -6.33 40.98
CA SER A 215 5.60 -6.91 42.26
C SER A 215 6.63 -6.68 43.35
N PHE A 216 7.90 -6.96 43.06
CA PHE A 216 8.97 -6.85 44.03
C PHE A 216 9.24 -5.40 44.43
N VAL A 217 8.93 -4.48 43.51
CA VAL A 217 9.09 -3.06 43.79
C VAL A 217 8.14 -2.64 44.90
N TYR A 218 6.92 -3.14 44.85
CA TYR A 218 5.89 -2.78 45.82
C TYR A 218 6.22 -3.29 47.22
N ASP A 219 6.82 -4.48 47.29
CA ASP A 219 7.17 -5.09 48.57
C ASP A 219 8.12 -4.23 49.39
N ILE A 220 9.23 -3.83 48.77
CA ILE A 220 10.26 -3.04 49.44
C ILE A 220 9.75 -1.63 49.73
N ALA A 221 8.96 -1.10 48.79
CA ALA A 221 8.48 0.28 48.89
C ALA A 221 7.55 0.46 50.09
N ASP A 222 6.68 -0.51 50.34
CA ASP A 222 5.72 -0.40 51.42
C ASP A 222 6.40 -0.46 52.79
N ILE A 223 7.63 -0.93 52.82
CA ILE A 223 8.40 -1.01 54.05
C ILE A 223 8.78 0.38 54.57
N ILE A 224 9.17 1.26 53.67
CA ILE A 224 9.67 2.57 54.06
C ILE A 224 8.81 3.75 53.61
N LYS A 225 7.67 3.48 52.98
CA LYS A 225 6.83 4.57 52.46
C LYS A 225 6.37 5.50 53.57
N PHE A 226 6.04 4.94 54.72
CA PHE A 226 5.49 5.69 55.84
C PHE A 226 6.55 6.47 56.61
N ASP A 227 7.81 6.06 56.47
CA ASP A 227 8.90 6.74 57.16
C ASP A 227 9.00 8.22 56.81
N THR A 228 9.16 8.52 55.52
CA THR A 228 9.27 9.91 55.09
C THR A 228 8.28 10.33 54.00
N VAL A 229 8.12 9.46 53.00
CA VAL A 229 7.35 9.79 51.80
C VAL A 229 5.88 10.15 52.05
N VAL A 230 5.19 9.35 52.86
CA VAL A 230 3.78 9.58 53.14
C VAL A 230 3.56 10.80 54.05
N PRO A 231 4.30 10.93 55.17
CA PRO A 231 4.15 12.13 56.00
C PRO A 231 4.36 13.45 55.25
N LYS A 232 5.00 13.38 54.08
CA LYS A 232 5.29 14.56 53.28
C LYS A 232 4.13 14.81 52.34
N ALA A 233 3.56 13.74 51.81
CA ALA A 233 2.37 13.83 50.97
C ALA A 233 1.26 14.52 51.76
N PHE A 234 1.14 14.14 53.04
CA PHE A 234 0.19 14.76 53.95
C PHE A 234 0.51 16.23 54.23
N GLU A 235 1.81 16.53 54.36
CA GLU A 235 2.26 17.90 54.61
C GLU A 235 1.79 18.85 53.51
N ILE A 236 2.02 18.44 52.27
CA ILE A 236 1.60 19.23 51.11
C ILE A 236 0.07 19.19 50.99
N ALA A 237 -0.50 18.06 51.38
CA ALA A 237 -1.94 17.87 51.36
C ALA A 237 -2.64 18.90 52.24
N ARG A 238 -2.00 19.28 53.35
CA ARG A 238 -2.56 20.27 54.26
C ARG A 238 -2.65 21.64 53.58
N ARG A 239 -1.60 22.06 52.88
CA ARG A 239 -1.72 23.23 52.01
C ARG A 239 -2.52 22.81 50.79
N ASN A 240 -2.78 23.73 49.88
CA ASN A 240 -3.47 23.38 48.66
C ASN A 240 -2.93 24.16 47.47
N PRO A 241 -1.71 23.81 47.02
CA PRO A 241 -1.12 24.56 45.91
C PRO A 241 -1.67 24.12 44.56
N GLY A 242 -1.53 24.98 43.56
CA GLY A 242 -2.01 24.69 42.22
C GLY A 242 -1.28 23.57 41.52
N GLU A 243 -0.10 23.20 42.03
CA GLU A 243 0.69 22.14 41.40
C GLU A 243 1.01 21.02 42.37
N PRO A 244 0.00 20.25 42.78
CA PRO A 244 0.25 19.22 43.79
C PRO A 244 1.09 18.06 43.25
N ASP A 245 0.91 17.71 41.99
CA ASP A 245 1.62 16.57 41.40
C ASP A 245 3.13 16.80 41.32
N ARG A 246 3.51 17.93 40.75
CA ARG A 246 4.91 18.23 40.49
C ARG A 246 5.65 18.60 41.78
N GLU A 247 4.95 19.24 42.71
CA GLU A 247 5.58 19.68 43.96
C GLU A 247 5.67 18.55 44.96
N VAL A 248 4.93 17.47 44.73
CA VAL A 248 5.10 16.25 45.52
C VAL A 248 6.29 15.50 44.97
N ARG A 249 6.41 15.49 43.64
CA ARG A 249 7.52 14.82 42.98
C ARG A 249 8.83 15.56 43.26
N LEU A 250 8.79 16.88 43.21
CA LEU A 250 9.97 17.68 43.51
C LEU A 250 10.34 17.55 44.99
N ALA A 251 9.33 17.31 45.83
CA ALA A 251 9.56 17.08 47.25
C ALA A 251 10.27 15.75 47.48
N CYS A 252 9.73 14.70 46.88
CA CYS A 252 10.32 13.36 46.97
C CYS A 252 11.74 13.38 46.40
N ARG A 253 11.93 14.17 45.36
CA ARG A 253 13.24 14.36 44.75
C ARG A 253 14.25 14.84 45.77
N ASP A 254 13.86 15.86 46.54
CA ASP A 254 14.72 16.43 47.56
C ASP A 254 14.99 15.44 48.67
N ILE A 255 13.98 14.64 49.01
CA ILE A 255 14.10 13.62 50.04
C ILE A 255 15.10 12.53 49.66
N PHE A 256 14.94 11.98 48.46
CA PHE A 256 15.81 10.92 47.97
C PHE A 256 17.28 11.36 47.91
N ARG A 257 17.50 12.63 47.59
CA ARG A 257 18.85 13.18 47.53
C ARG A 257 19.42 13.38 48.93
N SER A 258 18.67 14.12 49.75
CA SER A 258 19.14 14.47 51.09
C SER A 258 19.25 13.24 51.98
N SER A 259 18.24 12.38 51.95
CA SER A 259 18.22 11.21 52.82
C SER A 259 18.95 10.01 52.21
N LYS A 260 19.49 10.19 51.01
CA LYS A 260 20.23 9.13 50.30
C LYS A 260 19.48 7.80 50.35
N THR A 261 18.19 7.83 50.01
CA THR A 261 17.31 6.68 50.13
C THR A 261 17.77 5.45 49.34
N LEU A 262 18.10 5.66 48.07
CA LEU A 262 18.49 4.56 47.18
C LEU A 262 19.74 3.85 47.72
N ALA A 263 20.65 4.64 48.28
CA ALA A 263 21.90 4.12 48.83
C ALA A 263 21.61 3.26 50.06
N LYS A 264 20.46 3.49 50.67
CA LYS A 264 20.04 2.74 51.86
C LYS A 264 19.18 1.55 51.43
N LEU A 265 18.63 1.66 50.23
CA LEU A 265 17.75 0.63 49.67
C LEU A 265 18.47 -0.67 49.32
N ILE A 266 19.61 -0.55 48.64
CA ILE A 266 20.34 -1.71 48.17
C ILE A 266 20.80 -2.68 49.27
N PRO A 267 21.38 -2.16 50.39
CA PRO A 267 21.74 -3.14 51.42
C PRO A 267 20.52 -3.77 52.09
N LEU A 268 19.41 -3.04 52.11
CA LEU A 268 18.16 -3.53 52.68
C LEU A 268 17.61 -4.73 51.91
N ILE A 269 17.63 -4.62 50.58
CA ILE A 269 17.12 -5.67 49.70
C ILE A 269 17.83 -7.00 49.90
N GLU A 270 19.16 -6.97 49.98
CA GLU A 270 19.94 -8.18 50.16
C GLU A 270 19.72 -8.79 51.54
N ASP A 271 19.42 -7.93 52.51
CA ASP A 271 19.13 -8.38 53.86
C ASP A 271 17.75 -9.02 53.92
N VAL A 272 16.81 -8.45 53.16
CA VAL A 272 15.46 -8.98 53.07
C VAL A 272 15.47 -10.39 52.49
N LEU A 273 16.22 -10.58 51.40
CA LEU A 273 16.32 -11.88 50.76
C LEU A 273 17.12 -12.86 51.60
N ALA A 274 17.96 -12.32 52.50
CA ALA A 274 18.79 -13.15 53.36
C ALA A 274 17.96 -13.92 54.40
N ALA A 275 16.72 -13.50 54.58
CA ALA A 275 15.82 -14.12 55.55
C ALA A 275 15.48 -15.56 55.16
N GLY A 276 15.74 -15.91 53.91
CA GLY A 276 15.44 -17.24 53.41
C GLY A 276 16.40 -18.31 53.93
N GLU A 277 17.42 -17.87 54.66
CA GLU A 277 18.42 -18.78 55.23
C GLU A 277 19.17 -19.58 54.17
N ILE A 278 19.25 -19.04 52.96
CA ILE A 278 19.98 -19.68 51.87
C ILE A 278 21.20 -18.84 51.50
N GLN A 279 22.33 -19.51 51.30
CA GLN A 279 23.58 -18.85 50.90
C GLN A 279 23.40 -17.94 49.68
N PRO A 280 23.75 -16.66 49.84
CA PRO A 280 23.67 -15.69 48.75
C PRO A 280 24.87 -15.77 47.81
N PRO A 281 24.68 -15.39 46.53
CA PRO A 281 25.73 -15.45 45.50
C PRO A 281 26.92 -14.54 45.81
N ALA A 282 28.00 -14.72 45.05
CA ALA A 282 29.23 -13.96 45.25
C ALA A 282 29.05 -12.49 44.93
N LEU B 5 -1.37 11.17 25.47
CA LEU B 5 -1.80 9.85 25.07
C LEU B 5 -0.71 8.80 25.30
N PRO B 6 -1.11 7.59 25.72
CA PRO B 6 -0.17 6.51 26.04
C PRO B 6 0.52 5.94 24.79
N LEU B 7 1.72 5.42 24.96
CA LEU B 7 2.46 4.83 23.86
C LEU B 7 2.76 3.37 24.16
N ASN B 8 2.32 2.47 23.29
CA ASN B 8 2.52 1.05 23.49
C ASN B 8 3.29 0.39 22.35
N PRO B 9 4.10 -0.63 22.68
CA PRO B 9 4.86 -1.35 21.66
C PRO B 9 3.97 -2.20 20.76
N ILE B 10 4.27 -2.25 19.48
CA ILE B 10 3.52 -3.08 18.55
C ILE B 10 4.13 -4.47 18.52
N PRO B 11 3.34 -5.50 18.13
CA PRO B 11 3.87 -6.86 18.03
C PRO B 11 5.18 -6.96 17.26
N LEU B 12 6.02 -7.92 17.63
CA LEU B 12 7.37 -8.04 17.07
C LEU B 12 7.36 -8.41 15.59
N LYS B 13 6.42 -9.26 15.20
CA LYS B 13 6.37 -9.78 13.83
C LYS B 13 6.05 -8.68 12.82
N ASP B 14 5.32 -7.67 13.27
CA ASP B 14 4.90 -6.57 12.41
C ASP B 14 6.03 -5.57 12.20
N ARG B 15 7.13 -5.79 12.90
CA ARG B 15 8.24 -4.84 12.88
C ARG B 15 9.30 -5.17 11.81
N VAL B 16 10.10 -4.17 11.48
CA VAL B 16 11.23 -4.31 10.57
C VAL B 16 12.35 -5.01 11.36
N SER B 17 13.34 -5.56 10.68
CA SER B 17 14.42 -6.28 11.35
C SER B 17 15.32 -5.37 12.19
N MET B 18 16.37 -4.82 11.58
CA MET B 18 17.35 -4.01 12.29
C MET B 18 17.78 -2.77 11.51
N ILE B 19 18.39 -1.81 12.21
CA ILE B 19 18.95 -0.62 11.59
C ILE B 19 20.32 -0.35 12.20
N PHE B 20 21.25 0.15 11.38
CA PHE B 20 22.59 0.48 11.86
C PHE B 20 22.88 1.98 11.77
N LEU B 21 23.21 2.57 12.90
CA LEU B 21 23.57 3.98 13.00
C LEU B 21 25.05 4.09 13.36
N GLN B 22 25.75 5.07 12.79
CA GLN B 22 27.18 5.14 13.03
C GLN B 22 27.75 6.53 13.41
N TYR B 23 27.48 7.58 12.65
CA TYR B 23 27.97 8.91 13.03
C TYR B 23 26.90 9.98 13.11
N GLY B 24 26.44 10.24 14.33
CA GLY B 24 25.48 11.28 14.57
C GLY B 24 25.06 11.33 16.02
N GLN B 25 24.42 12.42 16.43
CA GLN B 25 23.89 12.50 17.78
C GLN B 25 22.40 12.18 17.70
N ILE B 26 21.93 11.36 18.63
CA ILE B 26 20.54 10.94 18.64
C ILE B 26 19.72 11.66 19.70
N ASP B 27 18.89 12.59 19.26
CA ASP B 27 18.03 13.37 20.15
C ASP B 27 16.56 13.15 19.79
N VAL B 28 15.66 13.84 20.50
CA VAL B 28 14.24 13.74 20.24
C VAL B 28 13.63 15.10 19.90
N ILE B 29 13.09 15.19 18.68
CA ILE B 29 12.51 16.43 18.17
C ILE B 29 11.00 16.32 17.94
N ASP B 30 10.24 16.57 19.00
CA ASP B 30 8.76 16.61 18.98
C ASP B 30 8.19 15.23 19.25
N GLY B 31 8.95 14.43 19.98
CA GLY B 31 8.52 13.09 20.32
C GLY B 31 8.86 12.07 19.25
N ALA B 32 9.90 12.33 18.47
CA ALA B 32 10.30 11.42 17.41
C ALA B 32 11.80 11.19 17.39
N PHE B 33 12.18 9.96 17.08
CA PHE B 33 13.58 9.54 16.97
C PHE B 33 14.26 10.17 15.76
N VAL B 34 15.28 10.99 16.00
CA VAL B 34 16.02 11.61 14.90
C VAL B 34 17.52 11.38 15.01
N LEU B 35 18.21 11.39 13.88
CA LEU B 35 19.67 11.28 13.89
C LEU B 35 20.31 12.48 13.18
N ILE B 36 20.79 13.43 13.95
CA ILE B 36 21.45 14.61 13.40
C ILE B 36 22.95 14.36 13.27
N ASP B 37 23.55 14.83 12.18
CA ASP B 37 24.99 14.64 11.98
C ASP B 37 25.72 15.98 12.09
N LYS B 38 27.04 15.94 11.96
CA LYS B 38 27.87 17.14 12.00
C LYS B 38 27.42 18.24 11.04
N THR B 39 27.14 17.87 9.80
CA THR B 39 26.66 18.84 8.80
C THR B 39 25.27 19.38 9.18
N GLY B 40 24.56 18.61 9.99
CA GLY B 40 23.27 19.00 10.53
C GLY B 40 22.09 18.51 9.73
N ILE B 41 22.31 17.45 8.95
CA ILE B 41 21.21 16.82 8.23
C ILE B 41 20.51 15.91 9.22
N ARG B 42 19.19 15.86 9.15
CA ARG B 42 18.42 15.08 10.10
C ARG B 42 17.81 13.86 9.44
N THR B 43 17.69 12.78 10.21
CA THR B 43 17.15 11.54 9.70
C THR B 43 16.17 10.97 10.71
N HIS B 44 14.92 10.81 10.29
CA HIS B 44 13.89 10.33 11.19
C HIS B 44 13.82 8.81 11.11
N ILE B 45 13.82 8.17 12.27
CA ILE B 45 13.80 6.72 12.35
C ILE B 45 12.59 6.21 13.11
N PRO B 46 11.73 5.43 12.44
CA PRO B 46 10.57 4.89 13.16
C PRO B 46 10.96 3.80 14.15
N VAL B 47 10.95 4.13 15.44
CA VAL B 47 11.37 3.18 16.47
C VAL B 47 10.34 2.08 16.70
N GLY B 48 9.08 2.39 16.45
CA GLY B 48 8.00 1.44 16.65
C GLY B 48 7.81 0.53 15.45
N SER B 49 8.78 0.55 14.54
CA SER B 49 8.72 -0.24 13.33
C SER B 49 9.92 -1.19 13.31
N VAL B 50 10.93 -0.84 14.09
CA VAL B 50 12.17 -1.60 14.18
C VAL B 50 12.23 -2.37 15.49
N ALA B 51 12.61 -3.64 15.41
CA ALA B 51 12.64 -4.49 16.60
C ALA B 51 13.95 -4.34 17.36
N CYS B 52 14.96 -3.76 16.71
CA CYS B 52 16.26 -3.55 17.34
C CYS B 52 17.10 -2.53 16.56
N ILE B 53 17.64 -1.56 17.27
CA ILE B 53 18.46 -0.52 16.66
C ILE B 53 19.92 -0.70 17.11
N MET B 54 20.79 -0.97 16.14
CA MET B 54 22.20 -1.19 16.41
C MET B 54 22.98 0.12 16.41
N LEU B 55 23.75 0.35 17.46
CA LEU B 55 24.51 1.59 17.59
C LEU B 55 26.01 1.39 17.43
N GLU B 56 26.54 1.82 16.29
CA GLU B 56 27.97 1.74 16.00
C GLU B 56 28.71 2.89 16.67
N PRO B 57 30.04 2.77 16.81
CA PRO B 57 30.83 3.86 17.40
C PRO B 57 30.64 5.20 16.69
N GLY B 58 30.66 6.29 17.45
CA GLY B 58 30.45 7.62 16.90
C GLY B 58 29.06 8.15 17.19
N THR B 59 28.23 7.33 17.81
CA THR B 59 26.86 7.70 18.12
C THR B 59 26.73 8.27 19.54
N ARG B 60 25.86 9.28 19.70
CA ARG B 60 25.60 9.86 21.01
C ARG B 60 24.11 9.94 21.28
N VAL B 61 23.60 9.01 22.10
CA VAL B 61 22.18 8.95 22.41
C VAL B 61 21.82 9.96 23.51
N SER B 62 20.61 10.50 23.42
CA SER B 62 20.12 11.41 24.45
C SER B 62 19.25 10.65 25.43
N HIS B 63 18.97 11.29 26.57
CA HIS B 63 18.16 10.66 27.62
C HIS B 63 16.75 10.38 27.10
N ALA B 64 16.18 11.35 26.38
CA ALA B 64 14.85 11.21 25.81
C ALA B 64 14.79 10.08 24.79
N ALA B 65 15.88 9.91 24.04
CA ALA B 65 15.96 8.88 23.01
C ALA B 65 15.88 7.49 23.61
N VAL B 66 16.68 7.24 24.64
CA VAL B 66 16.68 5.93 25.31
C VAL B 66 15.33 5.69 25.98
N ARG B 67 14.76 6.75 26.53
CA ARG B 67 13.44 6.67 27.16
C ARG B 67 12.35 6.33 26.16
N LEU B 68 12.36 7.03 25.02
CA LEU B 68 11.37 6.83 23.98
C LEU B 68 11.44 5.44 23.39
N ALA B 69 12.65 5.00 23.11
CA ALA B 69 12.89 3.70 22.49
C ALA B 69 12.41 2.57 23.39
N ALA B 70 12.46 2.80 24.69
CA ALA B 70 11.97 1.83 25.65
C ALA B 70 10.44 1.77 25.59
N GLN B 71 9.82 2.95 25.53
CA GLN B 71 8.37 3.07 25.52
C GLN B 71 7.74 2.35 24.32
N VAL B 72 8.46 2.33 23.20
CA VAL B 72 7.95 1.73 21.98
C VAL B 72 8.35 0.27 21.86
N GLY B 73 9.20 -0.19 22.80
CA GLY B 73 9.60 -1.58 22.85
C GLY B 73 10.70 -1.91 21.87
N THR B 74 11.54 -0.92 21.58
CA THR B 74 12.67 -1.13 20.68
C THR B 74 13.97 -1.32 21.47
N LEU B 75 14.71 -2.36 21.12
CA LEU B 75 15.97 -2.66 21.80
C LEU B 75 17.13 -1.87 21.22
N LEU B 76 17.95 -1.31 22.10
CA LEU B 76 19.13 -0.57 21.69
C LEU B 76 20.40 -1.36 21.98
N VAL B 77 21.16 -1.63 20.94
CA VAL B 77 22.40 -2.37 21.10
C VAL B 77 23.59 -1.55 20.60
N TRP B 78 24.53 -1.30 21.51
CA TRP B 78 25.77 -0.63 21.16
C TRP B 78 26.74 -1.69 20.66
N VAL B 79 27.13 -1.61 19.40
CA VAL B 79 27.97 -2.68 18.86
C VAL B 79 29.40 -2.21 18.58
N GLY B 80 30.30 -3.18 18.60
CA GLY B 80 31.71 -2.97 18.30
C GLY B 80 32.06 -3.18 16.84
N GLU B 81 33.31 -3.59 16.62
CA GLU B 81 33.84 -3.88 15.31
C GLU B 81 33.14 -5.10 14.73
N ALA B 82 32.66 -4.98 13.49
CA ALA B 82 31.92 -6.03 12.80
C ALA B 82 30.63 -6.39 13.53
N GLY B 83 30.05 -5.41 14.21
CA GLY B 83 28.75 -5.53 14.83
C GLY B 83 28.65 -6.38 16.10
N VAL B 84 29.78 -6.71 16.69
CA VAL B 84 29.78 -7.49 17.94
C VAL B 84 29.09 -6.68 19.04
N ARG B 85 28.17 -7.31 19.75
CA ARG B 85 27.42 -6.61 20.79
C ARG B 85 28.29 -6.24 21.99
N VAL B 86 28.16 -4.99 22.43
CA VAL B 86 28.85 -4.51 23.62
C VAL B 86 27.84 -4.38 24.76
N TYR B 87 26.99 -3.36 24.67
CA TYR B 87 26.01 -3.08 25.71
C TYR B 87 24.59 -3.08 25.14
N ALA B 88 23.59 -3.13 26.01
CA ALA B 88 22.19 -3.10 25.59
C ALA B 88 21.29 -2.42 26.61
N SER B 89 20.29 -1.70 26.13
CA SER B 89 19.33 -1.03 27.01
C SER B 89 17.89 -1.39 26.65
N GLY B 90 17.05 -1.49 27.67
CA GLY B 90 15.64 -1.82 27.46
C GLY B 90 14.79 -1.61 28.70
N GLN B 91 13.48 -1.73 28.53
CA GLN B 91 12.54 -1.57 29.64
C GLN B 91 12.83 -2.51 30.81
N PRO B 92 13.06 -1.94 32.00
CA PRO B 92 13.30 -2.76 33.19
C PRO B 92 12.00 -3.50 33.53
N GLY B 93 10.88 -2.80 33.36
CA GLY B 93 9.57 -3.38 33.56
C GLY B 93 9.31 -4.16 32.30
N GLY B 94 8.38 -5.11 32.34
CA GLY B 94 8.17 -5.91 31.17
C GLY B 94 8.33 -7.33 31.63
N ALA B 95 7.74 -8.27 30.88
CA ALA B 95 7.78 -9.68 31.20
C ALA B 95 6.84 -9.97 32.36
N ARG B 96 5.91 -10.89 32.12
CA ARG B 96 5.02 -11.33 33.16
C ARG B 96 5.86 -12.20 34.08
N SER B 97 5.63 -12.10 35.39
CA SER B 97 6.46 -12.80 36.38
C SER B 97 6.39 -14.30 36.15
N ASP B 98 5.23 -14.77 35.70
CA ASP B 98 5.02 -16.19 35.46
C ASP B 98 6.00 -16.73 34.43
N LYS B 99 6.17 -16.02 33.31
CA LYS B 99 7.11 -16.49 32.29
C LYS B 99 8.56 -16.46 32.77
N LEU B 100 8.87 -15.59 33.73
CA LEU B 100 10.21 -15.55 34.31
C LEU B 100 10.39 -16.70 35.29
N LEU B 101 9.40 -16.88 36.18
CA LEU B 101 9.43 -17.97 37.13
C LEU B 101 9.39 -19.34 36.44
N TYR B 102 8.65 -19.40 35.33
CA TYR B 102 8.57 -20.60 34.49
C TYR B 102 9.95 -20.93 33.95
N GLN B 103 10.63 -19.93 33.41
CA GLN B 103 11.99 -20.08 32.91
C GLN B 103 12.95 -20.46 34.03
N ALA B 104 12.76 -19.84 35.18
CA ALA B 104 13.64 -20.05 36.34
C ALA B 104 13.59 -21.49 36.85
N LYS B 105 12.38 -21.98 37.11
CA LYS B 105 12.19 -23.33 37.63
C LYS B 105 12.83 -24.40 36.75
N LEU B 106 12.80 -24.19 35.44
CA LEU B 106 13.40 -25.11 34.49
C LEU B 106 14.93 -25.17 34.64
N ALA B 107 15.51 -24.08 35.12
CA ALA B 107 16.96 -24.01 35.28
C ALA B 107 17.41 -24.48 36.66
N LEU B 108 16.49 -24.40 37.62
CA LEU B 108 16.81 -24.73 39.01
C LEU B 108 16.72 -26.24 39.27
N ASP B 109 16.03 -26.94 38.37
CA ASP B 109 15.88 -28.38 38.50
C ASP B 109 16.74 -29.10 37.47
N GLU B 110 17.68 -29.91 37.96
CA GLU B 110 18.67 -30.54 37.09
C GLU B 110 18.07 -31.65 36.24
N ASP B 111 16.93 -32.18 36.66
CA ASP B 111 16.18 -33.13 35.85
C ASP B 111 15.54 -32.45 34.66
N LEU B 112 14.97 -31.28 34.89
CA LEU B 112 14.31 -30.52 33.83
C LEU B 112 15.25 -29.72 32.94
N ARG B 113 16.47 -29.48 33.39
CA ARG B 113 17.43 -28.75 32.56
C ARG B 113 17.90 -29.62 31.40
N LEU B 114 18.23 -30.87 31.70
CA LEU B 114 18.68 -31.81 30.68
C LEU B 114 17.65 -31.97 29.58
N LYS B 115 16.46 -32.37 30.00
CA LYS B 115 15.29 -32.51 29.13
C LYS B 115 15.13 -31.34 28.15
N VAL B 116 15.17 -30.11 28.65
CA VAL B 116 14.99 -28.93 27.78
C VAL B 116 16.17 -28.75 26.82
N VAL B 117 17.37 -29.11 27.26
CA VAL B 117 18.54 -29.10 26.40
C VAL B 117 18.38 -30.10 25.26
N ARG B 118 17.76 -31.23 25.58
CA ARG B 118 17.51 -32.28 24.59
C ARG B 118 16.63 -31.81 23.44
N LYS B 119 15.63 -30.99 23.73
CA LYS B 119 14.76 -30.48 22.68
C LYS B 119 15.51 -29.49 21.81
N MET B 120 16.34 -28.65 22.44
CA MET B 120 17.24 -27.75 21.71
C MET B 120 18.09 -28.55 20.74
N PHE B 121 18.59 -29.68 21.21
CA PHE B 121 19.36 -30.62 20.38
C PHE B 121 18.50 -31.15 19.24
N GLU B 122 17.29 -31.57 19.57
CA GLU B 122 16.36 -32.16 18.60
C GLU B 122 15.97 -31.17 17.52
N LEU B 123 15.81 -29.91 17.90
CA LEU B 123 15.45 -28.85 16.95
C LEU B 123 16.67 -28.47 16.13
N ARG B 124 17.86 -28.64 16.72
CA ARG B 124 19.12 -28.27 16.10
C ARG B 124 19.50 -29.14 14.90
N PHE B 125 19.54 -30.45 15.11
CA PHE B 125 20.02 -31.37 14.08
C PHE B 125 18.89 -32.13 13.42
N GLY B 126 17.72 -32.11 14.06
CA GLY B 126 16.55 -32.80 13.53
C GLY B 126 16.35 -34.14 14.19
N GLU B 127 17.42 -34.66 14.80
CA GLU B 127 17.35 -35.95 15.49
C GLU B 127 17.49 -35.78 17.01
N PRO B 128 16.77 -36.61 17.78
CA PRO B 128 16.86 -36.62 19.25
C PRO B 128 18.26 -36.97 19.73
N ALA B 129 18.67 -36.38 20.85
CA ALA B 129 19.99 -36.65 21.41
C ALA B 129 20.10 -38.07 21.95
N PRO B 130 21.29 -38.67 21.83
CA PRO B 130 21.59 -39.99 22.40
C PRO B 130 21.43 -40.00 23.92
N ALA B 131 20.93 -41.09 24.48
CA ALA B 131 20.65 -41.14 25.91
C ALA B 131 21.95 -41.16 26.71
N ARG B 132 21.84 -41.45 28.01
CA ARG B 132 22.96 -41.53 28.96
C ARG B 132 24.05 -40.46 28.73
N ARG B 133 23.66 -39.22 28.48
CA ARG B 133 24.62 -38.14 28.34
C ARG B 133 24.21 -36.94 29.19
N SER B 134 25.13 -36.44 30.02
CA SER B 134 24.83 -35.29 30.87
C SER B 134 24.85 -34.01 30.04
N VAL B 135 24.52 -32.89 30.68
CA VAL B 135 24.51 -31.59 29.98
C VAL B 135 25.87 -31.28 29.38
N GLU B 136 26.90 -31.40 30.20
CA GLU B 136 28.27 -31.09 29.77
C GLU B 136 28.80 -32.14 28.80
N GLN B 137 28.21 -33.33 28.81
CA GLN B 137 28.56 -34.33 27.81
C GLN B 137 27.87 -34.00 26.49
N LEU B 138 26.62 -33.52 26.58
CA LEU B 138 25.90 -33.11 25.38
C LEU B 138 26.54 -31.88 24.75
N ARG B 139 27.02 -30.97 25.59
CA ARG B 139 27.72 -29.78 25.11
C ARG B 139 28.98 -30.18 24.34
N GLY B 140 29.63 -31.25 24.79
CA GLY B 140 30.79 -31.79 24.09
C GLY B 140 30.43 -32.30 22.71
N ILE B 141 29.30 -33.01 22.62
CA ILE B 141 28.82 -33.54 21.35
C ILE B 141 28.43 -32.42 20.39
N GLU B 142 27.69 -31.44 20.91
CA GLU B 142 27.23 -30.33 20.10
C GLU B 142 28.40 -29.48 19.61
N GLY B 143 29.41 -29.33 20.47
CA GLY B 143 30.60 -28.58 20.10
C GLY B 143 31.34 -29.22 18.94
N SER B 144 31.38 -30.56 18.94
CA SER B 144 32.06 -31.31 17.90
C SER B 144 31.29 -31.25 16.59
N ARG B 145 29.97 -31.22 16.67
CA ARG B 145 29.13 -31.16 15.48
C ARG B 145 29.19 -29.77 14.85
N VAL B 146 29.40 -28.76 15.68
CA VAL B 146 29.50 -27.38 15.23
C VAL B 146 30.75 -27.15 14.39
N ARG B 147 31.90 -27.61 14.87
CA ARG B 147 33.14 -27.47 14.13
C ARG B 147 33.12 -28.31 12.85
N ALA B 148 32.36 -29.41 12.87
CA ALA B 148 32.21 -30.24 11.69
C ALA B 148 31.43 -29.48 10.61
N THR B 149 30.34 -28.86 11.03
CA THR B 149 29.53 -28.02 10.15
C THR B 149 30.38 -26.90 9.53
N TYR B 150 31.07 -26.14 10.38
CA TYR B 150 31.95 -25.06 9.93
C TYR B 150 32.92 -25.50 8.86
N ALA B 151 33.57 -26.64 9.08
CA ALA B 151 34.55 -27.17 8.14
C ALA B 151 33.95 -27.56 6.79
N LEU B 152 32.79 -28.23 6.82
CA LEU B 152 32.17 -28.70 5.58
C LEU B 152 31.68 -27.53 4.73
N LEU B 153 31.06 -26.53 5.37
CA LEU B 153 30.57 -25.35 4.66
C LEU B 153 31.70 -24.61 3.97
N ALA B 154 32.87 -24.56 4.60
CA ALA B 154 34.04 -23.94 3.99
C ALA B 154 34.45 -24.67 2.72
N LYS B 155 34.21 -25.97 2.69
CA LYS B 155 34.52 -26.78 1.52
C LYS B 155 33.43 -26.64 0.47
N GLN B 156 32.19 -26.45 0.93
CA GLN B 156 31.04 -26.32 0.04
C GLN B 156 31.10 -25.02 -0.74
N TYR B 157 31.54 -23.96 -0.07
CA TYR B 157 31.64 -22.64 -0.68
C TYR B 157 33.06 -22.34 -1.13
N GLY B 158 33.99 -23.19 -0.73
CA GLY B 158 35.37 -23.07 -1.17
C GLY B 158 36.10 -21.91 -0.55
N VAL B 159 36.17 -21.88 0.78
CA VAL B 159 36.90 -20.84 1.49
C VAL B 159 38.03 -21.47 2.30
N THR B 160 39.05 -20.67 2.61
CA THR B 160 40.19 -21.16 3.38
C THR B 160 39.84 -21.12 4.86
N TRP B 161 39.69 -22.29 5.46
CA TRP B 161 39.29 -22.37 6.86
C TRP B 161 40.31 -23.12 7.71
N ASN B 162 40.68 -22.51 8.83
CA ASN B 162 41.62 -23.11 9.77
C ASN B 162 41.14 -22.98 11.20
N GLY B 163 40.21 -22.06 11.44
CA GLY B 163 39.70 -21.84 12.77
C GLY B 163 38.58 -20.82 12.88
N ARG B 164 38.06 -20.65 14.08
CA ARG B 164 37.00 -19.69 14.37
C ARG B 164 37.50 -18.64 15.37
N ARG B 165 37.86 -17.47 14.86
CA ARG B 165 38.49 -16.43 15.68
C ARG B 165 37.49 -15.48 16.32
N TYR B 166 37.89 -14.91 17.46
CA TYR B 166 37.12 -13.86 18.13
C TYR B 166 38.04 -12.69 18.47
N ASP B 167 38.47 -11.97 17.45
CA ASP B 167 39.40 -10.86 17.64
C ASP B 167 38.95 -9.61 16.88
N THR B 176 39.06 -12.75 7.48
CA THR B 176 38.02 -12.20 6.60
C THR B 176 36.73 -13.00 6.70
N ILE B 177 36.86 -14.32 6.69
CA ILE B 177 35.73 -15.23 6.80
C ILE B 177 35.05 -15.11 8.17
N ASN B 178 35.85 -15.12 9.23
CA ASN B 178 35.33 -15.00 10.59
C ASN B 178 34.67 -13.65 10.83
N GLN B 179 35.11 -12.62 10.11
CA GLN B 179 34.51 -11.31 10.21
C GLN B 179 33.08 -11.35 9.68
N CYS B 180 32.88 -12.14 8.63
CA CYS B 180 31.56 -12.31 8.03
C CYS B 180 30.64 -13.12 8.93
N ILE B 181 31.18 -14.22 9.48
CA ILE B 181 30.42 -15.09 10.37
C ILE B 181 29.99 -14.36 11.64
N SER B 182 30.94 -13.68 12.27
CA SER B 182 30.67 -12.96 13.51
C SER B 182 29.65 -11.85 13.31
N ALA B 183 29.76 -11.14 12.20
CA ALA B 183 28.83 -10.06 11.88
C ALA B 183 27.42 -10.60 11.67
N ALA B 184 27.32 -11.72 10.96
CA ALA B 184 26.02 -12.34 10.67
C ALA B 184 25.36 -12.84 11.95
N THR B 185 26.11 -13.56 12.77
CA THR B 185 25.60 -14.09 14.02
C THR B 185 25.19 -12.97 14.97
N SER B 186 25.97 -11.88 14.95
CA SER B 186 25.68 -10.73 15.79
C SER B 186 24.32 -10.14 15.43
N CYS B 187 23.98 -10.20 14.14
CA CYS B 187 22.67 -9.76 13.68
C CYS B 187 21.58 -10.66 14.26
N LEU B 188 21.82 -11.96 14.24
CA LEU B 188 20.86 -12.92 14.78
C LEU B 188 20.73 -12.80 16.29
N TYR B 189 21.85 -12.57 16.97
CA TYR B 189 21.86 -12.41 18.42
C TYR B 189 21.05 -11.18 18.83
N GLY B 190 21.01 -10.18 17.96
CA GLY B 190 20.26 -8.97 18.21
C GLY B 190 18.77 -9.21 18.28
N VAL B 191 18.20 -9.71 17.19
CA VAL B 191 16.77 -9.97 17.12
C VAL B 191 16.32 -11.06 18.09
N THR B 192 17.21 -12.01 18.36
CA THR B 192 16.90 -13.08 19.30
C THR B 192 16.72 -12.50 20.70
N GLU B 193 17.66 -11.67 21.12
CA GLU B 193 17.58 -11.02 22.43
C GLU B 193 16.36 -10.11 22.50
N ALA B 194 16.09 -9.41 21.40
CA ALA B 194 14.93 -8.51 21.33
C ALA B 194 13.63 -9.31 21.43
N ALA B 195 13.65 -10.53 20.91
CA ALA B 195 12.47 -11.39 20.96
C ALA B 195 12.25 -11.95 22.36
N ILE B 196 13.33 -12.36 23.01
CA ILE B 196 13.27 -12.90 24.37
C ILE B 196 12.73 -11.87 25.36
N LEU B 197 13.17 -10.62 25.21
CA LEU B 197 12.71 -9.55 26.09
C LEU B 197 11.23 -9.26 25.87
N ALA B 198 10.83 -9.17 24.61
CA ALA B 198 9.44 -8.89 24.25
C ALA B 198 8.53 -10.06 24.64
N ALA B 199 9.07 -11.27 24.56
CA ALA B 199 8.32 -12.46 24.92
C ALA B 199 8.07 -12.53 26.42
N GLY B 200 9.01 -11.98 27.18
CA GLY B 200 8.86 -11.94 28.62
C GLY B 200 9.84 -12.79 29.41
N TYR B 201 10.88 -13.26 28.74
CA TYR B 201 11.88 -14.10 29.39
C TYR B 201 13.16 -13.33 29.69
N ALA B 202 14.06 -13.96 30.43
CA ALA B 202 15.33 -13.34 30.78
C ALA B 202 16.45 -13.90 29.91
N PRO B 203 17.22 -13.01 29.28
CA PRO B 203 18.32 -13.43 28.39
C PRO B 203 19.52 -13.98 29.15
N ALA B 204 19.51 -13.85 30.47
CA ALA B 204 20.64 -14.28 31.28
C ALA B 204 20.54 -15.74 31.70
N ILE B 205 19.31 -16.24 31.86
CA ILE B 205 19.10 -17.62 32.31
C ILE B 205 19.06 -18.61 31.15
N GLY B 206 20.20 -19.26 30.90
CA GLY B 206 20.31 -20.22 29.82
C GLY B 206 20.30 -21.65 30.29
N PHE B 207 20.41 -22.59 29.34
CA PHE B 207 20.37 -24.01 29.65
C PHE B 207 21.62 -24.73 29.14
N VAL B 208 21.92 -24.54 27.86
CA VAL B 208 23.14 -25.10 27.27
C VAL B 208 24.33 -24.24 27.65
N HIS B 209 24.17 -22.93 27.49
CA HIS B 209 25.20 -21.99 27.90
C HIS B 209 24.86 -21.44 29.28
N THR B 210 25.87 -21.28 30.13
CA THR B 210 25.66 -20.77 31.48
C THR B 210 26.79 -19.82 31.85
N GLY B 211 26.57 -19.01 32.89
CA GLY B 211 27.61 -18.13 33.39
C GLY B 211 27.69 -16.81 32.65
N LYS B 212 27.11 -16.76 31.46
CA LYS B 212 27.21 -15.58 30.61
C LYS B 212 25.92 -14.77 30.66
N PRO B 213 26.02 -13.44 30.49
CA PRO B 213 24.86 -12.55 30.59
C PRO B 213 23.88 -12.71 29.43
N LEU B 214 24.30 -13.38 28.36
CA LEU B 214 23.43 -13.63 27.21
C LEU B 214 23.33 -15.12 26.91
N SER B 215 23.29 -15.93 27.96
CA SER B 215 23.29 -17.38 27.81
C SER B 215 22.05 -17.87 27.05
N PHE B 216 20.88 -17.39 27.46
CA PHE B 216 19.63 -17.84 26.83
C PHE B 216 19.50 -17.34 25.39
N VAL B 217 20.11 -16.19 25.10
CA VAL B 217 20.11 -15.67 23.74
C VAL B 217 20.87 -16.59 22.81
N TYR B 218 22.03 -17.06 23.29
CA TYR B 218 22.86 -17.96 22.49
C TYR B 218 22.17 -19.30 22.29
N ASP B 219 21.47 -19.75 23.32
CA ASP B 219 20.77 -21.04 23.26
C ASP B 219 19.78 -21.11 22.11
N ILE B 220 18.89 -20.13 22.04
CA ILE B 220 17.87 -20.10 20.99
C ILE B 220 18.48 -19.84 19.62
N ALA B 221 19.45 -18.93 19.57
CA ALA B 221 20.07 -18.51 18.32
C ALA B 221 20.86 -19.63 17.64
N ASP B 222 21.60 -20.40 18.43
CA ASP B 222 22.46 -21.45 17.88
C ASP B 222 21.65 -22.59 17.28
N ILE B 223 20.37 -22.66 17.60
CA ILE B 223 19.49 -23.69 17.07
C ILE B 223 19.27 -23.52 15.57
N ILE B 224 19.07 -22.29 15.14
CA ILE B 224 18.73 -22.01 13.75
C ILE B 224 19.78 -21.21 12.97
N LYS B 225 20.88 -20.86 13.63
CA LYS B 225 21.89 -20.01 12.98
C LYS B 225 22.51 -20.68 11.76
N PHE B 226 22.75 -21.99 11.85
CA PHE B 226 23.38 -22.72 10.76
C PHE B 226 22.44 -23.03 9.61
N ASP B 227 21.13 -22.97 9.87
CA ASP B 227 20.14 -23.27 8.85
C ASP B 227 20.27 -22.35 7.64
N THR B 228 20.16 -21.03 7.87
CA THR B 228 20.27 -20.07 6.78
C THR B 228 21.32 -18.98 7.05
N VAL B 229 21.34 -18.49 8.28
CA VAL B 229 22.16 -17.33 8.66
C VAL B 229 23.67 -17.50 8.45
N VAL B 230 24.23 -18.63 8.91
CA VAL B 230 25.66 -18.87 8.79
C VAL B 230 26.16 -19.20 7.36
N PRO B 231 25.51 -20.15 6.64
CA PRO B 231 25.92 -20.46 5.26
C PRO B 231 25.98 -19.26 4.31
N LYS B 232 25.40 -18.14 4.70
CA LYS B 232 25.37 -16.95 3.86
C LYS B 232 26.63 -16.13 4.08
N ALA B 233 27.10 -16.10 5.32
CA ALA B 233 28.37 -15.46 5.64
C ALA B 233 29.50 -16.06 4.81
N PHE B 234 29.49 -17.38 4.66
CA PHE B 234 30.47 -18.07 3.82
C PHE B 234 30.34 -17.67 2.35
N GLU B 235 29.10 -17.53 1.89
CA GLU B 235 28.83 -17.13 0.51
C GLU B 235 29.43 -15.76 0.21
N ILE B 236 29.23 -14.82 1.13
CA ILE B 236 29.77 -13.47 0.98
C ILE B 236 31.29 -13.45 1.09
N ALA B 237 31.84 -14.31 1.96
CA ALA B 237 33.29 -14.40 2.17
C ALA B 237 34.04 -14.78 0.91
N ARG B 238 33.44 -15.67 0.12
CA ARG B 238 34.03 -16.08 -1.15
C ARG B 238 34.00 -14.93 -2.15
N ARG B 239 32.90 -14.19 -2.12
CA ARG B 239 32.72 -13.04 -2.99
C ARG B 239 33.68 -11.91 -2.64
N ASN B 240 34.03 -11.80 -1.36
CA ASN B 240 34.98 -10.83 -0.86
C ASN B 240 34.70 -9.41 -1.35
N PRO B 241 33.60 -8.80 -0.86
CA PRO B 241 33.22 -7.45 -1.29
C PRO B 241 33.94 -6.35 -0.52
N GLY B 242 33.99 -5.16 -1.10
CA GLY B 242 34.57 -4.00 -0.44
C GLY B 242 33.77 -3.58 0.77
N GLU B 243 32.51 -4.04 0.80
CA GLU B 243 31.59 -3.72 1.88
C GLU B 243 31.08 -5.00 2.54
N PRO B 244 31.95 -5.70 3.28
CA PRO B 244 31.53 -6.99 3.85
C PRO B 244 30.47 -6.81 4.92
N ASP B 245 30.56 -5.72 5.66
CA ASP B 245 29.58 -5.44 6.72
C ASP B 245 28.21 -5.16 6.12
N ARG B 246 28.17 -4.31 5.10
CA ARG B 246 26.90 -3.87 4.54
C ARG B 246 26.20 -4.99 3.78
N GLU B 247 26.95 -5.85 3.11
CA GLU B 247 26.33 -6.91 2.32
C GLU B 247 25.97 -8.12 3.18
N VAL B 248 26.53 -8.20 4.38
CA VAL B 248 26.13 -9.22 5.34
C VAL B 248 24.87 -8.77 6.07
N ARG B 249 24.80 -7.49 6.41
CA ARG B 249 23.63 -6.95 7.09
C ARG B 249 22.42 -6.96 6.17
N LEU B 250 22.62 -6.56 4.92
CA LEU B 250 21.55 -6.55 3.93
C LEU B 250 21.07 -7.96 3.62
N ALA B 251 21.97 -8.93 3.73
CA ALA B 251 21.62 -10.32 3.53
C ALA B 251 20.72 -10.83 4.65
N CYS B 252 21.14 -10.59 5.88
CA CYS B 252 20.39 -11.01 7.06
C CYS B 252 18.97 -10.43 7.10
N ARG B 253 18.83 -9.18 6.66
CA ARG B 253 17.52 -8.54 6.57
C ARG B 253 16.59 -9.37 5.70
N ASP B 254 17.10 -9.79 4.54
CA ASP B 254 16.33 -10.60 3.60
C ASP B 254 16.01 -11.97 4.18
N ILE B 255 16.96 -12.52 4.94
CA ILE B 255 16.76 -13.82 5.57
C ILE B 255 15.63 -13.78 6.59
N PHE B 256 15.69 -12.79 7.48
CA PHE B 256 14.67 -12.60 8.51
C PHE B 256 13.29 -12.37 7.91
N ARG B 257 13.27 -11.74 6.74
CA ARG B 257 12.03 -11.50 6.03
C ARG B 257 11.48 -12.79 5.43
N SER B 258 12.32 -13.48 4.67
CA SER B 258 11.92 -14.69 3.97
C SER B 258 11.59 -15.83 4.94
N SER B 259 12.44 -16.01 5.94
CA SER B 259 12.26 -17.09 6.90
C SER B 259 11.30 -16.71 8.02
N LYS B 260 10.76 -15.50 7.95
CA LYS B 260 9.84 -14.97 8.94
C LYS B 260 10.38 -15.20 10.36
N THR B 261 11.63 -14.82 10.57
CA THR B 261 12.36 -15.08 11.80
C THR B 261 11.67 -14.51 13.04
N LEU B 262 11.25 -13.25 12.98
CA LEU B 262 10.64 -12.60 14.13
C LEU B 262 9.37 -13.33 14.54
N ALA B 263 8.59 -13.74 13.53
CA ALA B 263 7.36 -14.48 13.76
C ALA B 263 7.66 -15.90 14.25
N LYS B 264 8.86 -16.38 13.94
CA LYS B 264 9.27 -17.74 14.29
C LYS B 264 10.03 -17.81 15.62
N LEU B 265 10.57 -16.68 16.07
CA LEU B 265 11.37 -16.68 17.29
C LEU B 265 10.55 -16.94 18.56
N ILE B 266 9.42 -16.27 18.70
CA ILE B 266 8.58 -16.41 19.88
C ILE B 266 8.03 -17.84 20.06
N PRO B 267 7.48 -18.47 18.99
CA PRO B 267 7.02 -19.84 19.19
C PRO B 267 8.16 -20.83 19.43
N LEU B 268 9.34 -20.54 18.89
CA LEU B 268 10.51 -21.40 19.07
C LEU B 268 10.92 -21.48 20.53
N ILE B 269 10.96 -20.32 21.19
CA ILE B 269 11.33 -20.25 22.59
C ILE B 269 10.33 -21.00 23.46
N GLU B 270 9.05 -20.80 23.18
CA GLU B 270 7.99 -21.42 23.96
C GLU B 270 7.93 -22.93 23.76
N ASP B 271 8.34 -23.39 22.57
CA ASP B 271 8.39 -24.81 22.29
C ASP B 271 9.55 -25.48 23.01
N VAL B 272 10.67 -24.78 23.07
CA VAL B 272 11.86 -25.27 23.77
C VAL B 272 11.60 -25.47 25.25
N LEU B 273 11.01 -24.47 25.89
CA LEU B 273 10.72 -24.53 27.32
C LEU B 273 9.60 -25.50 27.63
N ALA B 274 8.76 -25.78 26.63
CA ALA B 274 7.64 -26.69 26.80
C ALA B 274 8.12 -28.12 27.00
N ALA B 275 9.40 -28.36 26.70
CA ALA B 275 9.99 -29.69 26.82
C ALA B 275 10.04 -30.14 28.26
N GLY B 276 9.91 -29.21 29.20
CA GLY B 276 9.97 -29.52 30.61
C GLY B 276 8.74 -30.25 31.13
N GLU B 277 7.72 -30.39 30.27
CA GLU B 277 6.47 -31.06 30.62
C GLU B 277 5.79 -30.36 31.79
N ILE B 278 6.05 -29.06 31.93
CA ILE B 278 5.46 -28.25 32.99
C ILE B 278 4.50 -27.20 32.43
N GLN B 279 3.38 -27.02 33.12
CA GLN B 279 2.36 -26.04 32.78
C GLN B 279 2.93 -24.65 32.52
N PRO B 280 2.69 -24.10 31.32
CA PRO B 280 3.14 -22.75 30.96
C PRO B 280 2.20 -21.66 31.49
N SER C 17 -26.88 11.64 -45.71
CA SER C 17 -27.08 13.02 -45.30
C SER C 17 -26.38 13.28 -43.97
N MET C 18 -25.41 14.19 -43.97
CA MET C 18 -24.66 14.47 -42.76
C MET C 18 -24.44 15.98 -42.61
N ILE C 19 -24.21 16.41 -41.37
CA ILE C 19 -24.00 17.82 -41.07
C ILE C 19 -22.89 18.03 -40.04
N PHE C 20 -22.19 19.14 -40.13
CA PHE C 20 -21.14 19.47 -39.16
C PHE C 20 -21.54 20.64 -38.28
N LEU C 21 -21.58 20.39 -36.98
CA LEU C 21 -21.90 21.43 -36.02
C LEU C 21 -20.70 21.74 -35.14
N GLN C 22 -20.44 23.03 -34.92
CA GLN C 22 -19.33 23.45 -34.10
C GLN C 22 -19.71 24.64 -33.24
N TYR C 23 -18.91 24.88 -32.20
CA TYR C 23 -19.05 26.01 -31.30
C TYR C 23 -20.50 26.15 -30.84
N GLY C 24 -20.94 25.24 -29.98
CA GLY C 24 -22.31 25.30 -29.50
C GLY C 24 -22.70 24.12 -28.63
N GLN C 25 -23.83 24.25 -27.95
CA GLN C 25 -24.37 23.15 -27.16
C GLN C 25 -25.48 22.44 -27.93
N ILE C 26 -25.49 21.11 -27.86
CA ILE C 26 -26.48 20.33 -28.60
C ILE C 26 -27.59 19.89 -27.67
N ASP C 27 -28.74 20.56 -27.76
CA ASP C 27 -29.89 20.22 -26.93
C ASP C 27 -31.08 19.88 -27.81
N VAL C 28 -32.22 19.55 -27.20
CA VAL C 28 -33.42 19.27 -27.96
C VAL C 28 -34.60 20.16 -27.54
N ILE C 29 -35.06 20.98 -28.48
CA ILE C 29 -36.19 21.88 -28.23
C ILE C 29 -37.36 21.51 -29.14
N ASP C 30 -38.55 21.46 -28.57
CA ASP C 30 -39.79 21.18 -29.29
C ASP C 30 -39.77 19.83 -30.01
N GLY C 31 -38.94 18.90 -29.53
CA GLY C 31 -38.87 17.58 -30.12
C GLY C 31 -38.00 17.56 -31.35
N ALA C 32 -37.06 18.51 -31.42
CA ALA C 32 -36.18 18.63 -32.58
C ALA C 32 -34.73 18.91 -32.17
N PHE C 33 -33.79 18.41 -32.97
CA PHE C 33 -32.37 18.64 -32.72
C PHE C 33 -32.02 20.12 -32.86
N VAL C 34 -31.52 20.70 -31.79
CA VAL C 34 -31.14 22.11 -31.81
C VAL C 34 -29.70 22.33 -31.35
N LEU C 35 -29.12 23.44 -31.79
CA LEU C 35 -27.79 23.88 -31.40
C LEU C 35 -27.93 25.22 -30.70
N ILE C 36 -27.84 25.22 -29.38
CA ILE C 36 -28.02 26.46 -28.64
C ILE C 36 -26.71 27.23 -28.52
N ASP C 37 -26.79 28.54 -28.76
CA ASP C 37 -25.64 29.40 -28.64
C ASP C 37 -25.90 30.41 -27.53
N LYS C 38 -24.90 31.24 -27.22
CA LYS C 38 -25.09 32.35 -26.29
C LYS C 38 -26.24 33.23 -26.75
N THR C 39 -26.23 33.54 -28.04
CA THR C 39 -27.27 34.35 -28.66
C THR C 39 -28.62 33.64 -28.65
N GLY C 40 -28.61 32.32 -28.50
CA GLY C 40 -29.84 31.56 -28.43
C GLY C 40 -30.22 30.98 -29.77
N ILE C 41 -29.88 29.71 -29.96
CA ILE C 41 -30.18 28.93 -31.16
C ILE C 41 -29.45 29.48 -32.39
N ARG C 42 -28.84 28.58 -33.13
CA ARG C 42 -28.12 28.98 -34.34
C ARG C 42 -28.49 28.07 -35.49
N THR C 43 -28.78 26.81 -35.17
CA THR C 43 -29.17 25.82 -36.16
C THR C 43 -30.30 24.92 -35.72
N HIS C 44 -31.43 24.99 -36.42
CA HIS C 44 -32.58 24.14 -36.12
C HIS C 44 -32.49 22.90 -37.00
N ILE C 45 -32.59 21.72 -36.41
CA ILE C 45 -32.50 20.48 -37.17
C ILE C 45 -33.72 19.58 -37.00
N PRO C 46 -34.41 19.31 -38.11
CA PRO C 46 -35.54 18.37 -38.17
C PRO C 46 -35.01 16.97 -37.94
N VAL C 47 -35.57 16.25 -36.97
CA VAL C 47 -34.99 14.99 -36.52
C VAL C 47 -34.91 13.91 -37.60
N GLY C 48 -35.83 13.94 -38.56
CA GLY C 48 -35.79 13.00 -39.67
C GLY C 48 -34.94 13.46 -40.84
N SER C 49 -34.07 14.45 -40.62
CA SER C 49 -33.32 15.03 -41.74
C SER C 49 -31.83 14.72 -41.82
N VAL C 50 -31.20 14.42 -40.68
CA VAL C 50 -29.77 14.12 -40.69
C VAL C 50 -29.52 12.65 -40.38
N ALA C 51 -28.72 11.99 -41.20
CA ALA C 51 -28.43 10.57 -41.01
C ALA C 51 -27.21 10.36 -40.11
N CYS C 52 -26.43 11.42 -39.93
CA CYS C 52 -25.22 11.37 -39.10
C CYS C 52 -24.75 12.78 -38.77
N ILE C 53 -24.50 13.04 -37.49
CA ILE C 53 -24.07 14.37 -37.05
C ILE C 53 -22.63 14.38 -36.58
N MET C 54 -21.79 15.13 -37.28
CA MET C 54 -20.38 15.25 -36.91
C MET C 54 -20.19 16.41 -35.94
N LEU C 55 -19.49 16.14 -34.84
CA LEU C 55 -19.29 17.13 -33.80
C LEU C 55 -17.85 17.63 -33.76
N GLU C 56 -17.66 18.86 -34.23
CA GLU C 56 -16.36 19.51 -34.24
C GLU C 56 -16.01 20.07 -32.86
N PRO C 57 -14.74 20.40 -32.62
CA PRO C 57 -14.34 20.98 -31.32
C PRO C 57 -15.15 22.22 -30.95
N GLY C 58 -15.42 22.37 -29.66
CA GLY C 58 -16.21 23.49 -29.17
C GLY C 58 -17.64 23.08 -28.88
N THR C 59 -17.95 21.82 -29.15
CA THR C 59 -19.31 21.32 -28.96
C THR C 59 -19.52 20.68 -27.58
N ARG C 60 -20.72 20.88 -27.06
CA ARG C 60 -21.12 20.32 -25.78
C ARG C 60 -22.46 19.61 -25.92
N VAL C 61 -22.44 18.29 -25.96
CA VAL C 61 -23.66 17.53 -26.16
C VAL C 61 -24.47 17.43 -24.88
N SER C 62 -25.80 17.48 -25.01
CA SER C 62 -26.68 17.30 -23.87
C SER C 62 -27.21 15.88 -23.84
N HIS C 63 -27.71 15.45 -22.69
CA HIS C 63 -28.25 14.11 -22.54
C HIS C 63 -29.49 13.92 -23.39
N ALA C 64 -30.33 14.96 -23.42
CA ALA C 64 -31.57 14.93 -24.18
C ALA C 64 -31.30 14.74 -25.66
N ALA C 65 -30.21 15.33 -26.14
CA ALA C 65 -29.81 15.20 -27.53
C ALA C 65 -29.46 13.74 -27.86
N VAL C 66 -28.63 13.15 -27.01
CA VAL C 66 -28.19 11.78 -27.20
C VAL C 66 -29.34 10.78 -27.08
N ARG C 67 -30.26 11.06 -26.17
CA ARG C 67 -31.41 10.20 -25.97
C ARG C 67 -32.30 10.16 -27.22
N LEU C 68 -32.54 11.33 -27.80
CA LEU C 68 -33.36 11.43 -29.01
C LEU C 68 -32.73 10.72 -30.20
N ALA C 69 -31.42 10.92 -30.39
CA ALA C 69 -30.70 10.37 -31.53
C ALA C 69 -30.68 8.84 -31.55
N ALA C 70 -30.70 8.23 -30.38
CA ALA C 70 -30.72 6.77 -30.29
C ALA C 70 -32.08 6.24 -30.75
N GLN C 71 -33.13 6.91 -30.31
CA GLN C 71 -34.49 6.53 -30.65
C GLN C 71 -34.75 6.57 -32.16
N VAL C 72 -34.14 7.53 -32.84
CA VAL C 72 -34.32 7.69 -34.28
C VAL C 72 -33.22 7.03 -35.11
N GLY C 73 -32.18 6.52 -34.45
CA GLY C 73 -31.14 5.80 -35.17
C GLY C 73 -30.09 6.68 -35.83
N THR C 74 -29.79 7.82 -35.22
CA THR C 74 -28.81 8.76 -35.77
C THR C 74 -27.44 8.58 -35.14
N LEU C 75 -26.40 8.51 -35.99
CA LEU C 75 -25.04 8.30 -35.54
C LEU C 75 -24.34 9.60 -35.13
N LEU C 76 -23.68 9.58 -33.97
CA LEU C 76 -22.92 10.73 -33.49
C LEU C 76 -21.42 10.46 -33.55
N VAL C 77 -20.68 11.27 -34.30
CA VAL C 77 -19.24 11.11 -34.40
C VAL C 77 -18.52 12.38 -33.95
N TRP C 78 -17.64 12.24 -32.96
CA TRP C 78 -16.82 13.37 -32.52
C TRP C 78 -15.57 13.50 -33.38
N VAL C 79 -15.56 14.57 -34.18
CA VAL C 79 -14.49 14.83 -35.15
C VAL C 79 -13.73 16.09 -34.82
N GLY C 80 -12.56 16.25 -35.44
CA GLY C 80 -11.81 17.49 -35.29
C GLY C 80 -12.37 18.49 -36.28
N GLU C 81 -11.57 19.47 -36.70
CA GLU C 81 -12.08 20.46 -37.64
C GLU C 81 -12.28 19.86 -39.03
N ALA C 82 -13.51 19.97 -39.53
CA ALA C 82 -13.88 19.46 -40.85
C ALA C 82 -13.60 17.96 -41.01
N GLY C 83 -13.66 17.23 -39.90
CA GLY C 83 -13.51 15.78 -39.97
C GLY C 83 -12.06 15.35 -40.18
N VAL C 84 -11.13 16.27 -39.94
CA VAL C 84 -9.71 15.99 -40.13
C VAL C 84 -9.23 14.84 -39.23
N ARG C 85 -9.85 14.70 -38.06
CA ARG C 85 -9.49 13.66 -37.10
C ARG C 85 -10.73 13.11 -36.42
N VAL C 86 -10.78 11.78 -36.28
CA VAL C 86 -11.88 11.13 -35.57
C VAL C 86 -11.41 10.69 -34.20
N TYR C 87 -12.23 10.91 -33.18
CA TYR C 87 -11.84 10.62 -31.80
C TYR C 87 -12.76 9.60 -31.16
N ALA C 88 -14.06 9.85 -31.22
CA ALA C 88 -15.04 8.91 -30.69
C ALA C 88 -16.32 8.95 -31.50
N SER C 89 -16.90 7.78 -31.73
CA SER C 89 -18.14 7.68 -32.48
C SER C 89 -19.17 6.84 -31.73
N GLY C 90 -20.44 7.21 -31.86
CA GLY C 90 -21.51 6.44 -31.26
C GLY C 90 -21.59 5.11 -32.00
N GLN C 91 -22.38 4.19 -31.47
CA GLN C 91 -22.54 2.86 -32.09
C GLN C 91 -21.17 2.24 -32.36
N PRO C 92 -20.42 1.89 -31.30
CA PRO C 92 -19.08 1.36 -31.46
C PRO C 92 -19.03 -0.02 -32.11
N GLY C 93 -17.98 -0.28 -32.89
CA GLY C 93 -17.79 -1.56 -33.54
C GLY C 93 -18.61 -1.72 -34.81
N GLY C 94 -19.70 -0.98 -34.89
CA GLY C 94 -20.59 -1.06 -36.04
C GLY C 94 -22.04 -0.95 -35.60
N ALA C 95 -22.92 -0.44 -36.46
CA ALA C 95 -24.32 -0.27 -36.08
C ALA C 95 -25.16 -1.53 -36.33
N ARG C 96 -25.38 -1.87 -37.60
CA ARG C 96 -26.09 -3.10 -37.97
C ARG C 96 -25.13 -4.15 -38.50
N SER C 97 -25.33 -5.40 -38.10
CA SER C 97 -24.43 -6.49 -38.46
C SER C 97 -24.39 -6.78 -39.96
N ASP C 98 -25.53 -6.64 -40.63
CA ASP C 98 -25.62 -6.95 -42.06
C ASP C 98 -24.63 -6.13 -42.89
N LYS C 99 -24.55 -4.84 -42.60
CA LYS C 99 -23.62 -3.97 -43.32
C LYS C 99 -22.19 -4.35 -43.03
N LEU C 100 -21.97 -4.91 -41.85
CA LEU C 100 -20.67 -5.40 -41.44
C LEU C 100 -20.35 -6.76 -42.10
N LEU C 101 -21.32 -7.66 -42.06
CA LEU C 101 -21.16 -8.98 -42.69
C LEU C 101 -21.00 -8.84 -44.18
N TYR C 102 -21.68 -7.83 -44.76
CA TYR C 102 -21.53 -7.51 -46.17
C TYR C 102 -20.08 -7.15 -46.47
N GLN C 103 -19.52 -6.28 -45.63
CA GLN C 103 -18.11 -5.91 -45.72
C GLN C 103 -17.22 -7.12 -45.47
N ALA C 104 -17.62 -7.92 -44.49
CA ALA C 104 -16.86 -9.12 -44.09
C ALA C 104 -16.81 -10.15 -45.21
N LYS C 105 -17.98 -10.48 -45.76
CA LYS C 105 -18.11 -11.46 -46.82
C LYS C 105 -17.21 -11.15 -48.01
N LEU C 106 -17.07 -9.85 -48.32
CA LEU C 106 -16.23 -9.41 -49.41
C LEU C 106 -14.73 -9.62 -49.16
N ALA C 107 -14.33 -9.62 -47.88
CA ALA C 107 -12.92 -9.74 -47.53
C ALA C 107 -12.45 -11.17 -47.25
N LEU C 108 -13.38 -12.04 -46.85
CA LEU C 108 -13.01 -13.39 -46.44
C LEU C 108 -12.90 -14.41 -47.57
N ASP C 109 -13.53 -14.14 -48.71
CA ASP C 109 -13.50 -15.06 -49.83
C ASP C 109 -12.63 -14.52 -50.97
N GLU C 110 -11.60 -15.28 -51.33
CA GLU C 110 -10.59 -14.85 -52.30
C GLU C 110 -11.10 -14.76 -53.73
N ASP C 111 -12.26 -15.36 -54.02
CA ASP C 111 -12.87 -15.18 -55.33
C ASP C 111 -13.31 -13.72 -55.43
N LEU C 112 -13.88 -13.25 -54.33
CA LEU C 112 -14.31 -11.86 -54.17
C LEU C 112 -13.14 -10.94 -53.82
N ARG C 113 -11.94 -11.48 -53.73
CA ARG C 113 -10.76 -10.67 -53.41
C ARG C 113 -10.34 -9.67 -54.49
N LEU C 114 -10.29 -10.11 -55.75
CA LEU C 114 -9.89 -9.20 -56.83
C LEU C 114 -10.81 -8.00 -56.83
N LYS C 115 -12.10 -8.28 -56.99
CA LYS C 115 -13.19 -7.33 -56.85
C LYS C 115 -12.86 -5.85 -57.07
N VAL C 116 -13.06 -5.05 -56.03
CA VAL C 116 -12.82 -3.62 -56.05
C VAL C 116 -11.34 -3.26 -56.05
N VAL C 117 -10.49 -4.17 -55.59
CA VAL C 117 -9.05 -3.91 -55.57
C VAL C 117 -8.61 -3.55 -56.99
N ARG C 118 -9.15 -4.27 -57.97
CA ARG C 118 -8.92 -3.90 -59.36
C ARG C 118 -9.62 -2.58 -59.65
N LYS C 119 -10.83 -2.41 -59.09
CA LYS C 119 -11.63 -1.21 -59.28
C LYS C 119 -11.03 -0.01 -58.55
N MET C 120 -10.54 -0.23 -57.33
CA MET C 120 -9.80 0.79 -56.60
C MET C 120 -8.65 1.28 -57.46
N PHE C 121 -7.98 0.33 -58.10
CA PHE C 121 -6.93 0.63 -59.07
C PHE C 121 -7.51 1.47 -60.20
N GLU C 122 -8.64 1.02 -60.72
CA GLU C 122 -9.31 1.71 -61.82
C GLU C 122 -9.78 3.10 -61.40
N LEU C 123 -10.27 3.21 -60.17
CA LEU C 123 -10.73 4.49 -59.64
C LEU C 123 -9.58 5.41 -59.27
N ARG C 124 -8.46 4.81 -58.85
CA ARG C 124 -7.29 5.56 -58.43
C ARG C 124 -6.60 6.26 -59.60
N PHE C 125 -6.30 5.49 -60.65
CA PHE C 125 -5.51 5.98 -61.76
C PHE C 125 -6.34 6.30 -62.99
N GLY C 126 -7.57 5.82 -63.04
CA GLY C 126 -8.45 6.12 -64.16
C GLY C 126 -8.51 5.02 -65.20
N GLU C 127 -7.52 4.14 -65.20
CA GLU C 127 -7.47 3.05 -66.16
C GLU C 127 -7.75 1.71 -65.51
N PRO C 128 -8.44 0.82 -66.24
CA PRO C 128 -8.75 -0.54 -65.76
C PRO C 128 -7.50 -1.37 -65.45
N ALA C 129 -7.60 -2.19 -64.41
CA ALA C 129 -6.54 -3.10 -64.01
C ALA C 129 -6.34 -4.19 -65.07
N PRO C 130 -5.11 -4.70 -65.19
CA PRO C 130 -4.84 -5.83 -66.10
C PRO C 130 -5.76 -7.01 -65.75
N ALA C 131 -6.21 -7.74 -66.77
CA ALA C 131 -7.25 -8.74 -66.59
C ALA C 131 -6.88 -9.99 -65.79
N ARG C 132 -5.61 -10.36 -65.75
CA ARG C 132 -5.22 -11.54 -64.99
C ARG C 132 -3.93 -11.36 -64.19
N ARG C 133 -3.91 -10.33 -63.34
CA ARG C 133 -2.80 -10.11 -62.43
C ARG C 133 -3.39 -10.07 -61.03
N SER C 134 -2.80 -10.85 -60.13
CA SER C 134 -3.31 -11.02 -58.78
C SER C 134 -3.07 -9.80 -57.90
N VAL C 135 -3.60 -9.88 -56.68
CA VAL C 135 -3.53 -8.78 -55.72
C VAL C 135 -2.12 -8.31 -55.42
N GLU C 136 -1.20 -9.21 -55.08
CA GLU C 136 0.15 -8.76 -54.74
C GLU C 136 0.86 -8.28 -55.99
N GLN C 137 0.39 -8.73 -57.15
CA GLN C 137 0.90 -8.27 -58.43
C GLN C 137 0.35 -6.88 -58.74
N LEU C 138 -0.91 -6.66 -58.38
CA LEU C 138 -1.53 -5.36 -58.54
C LEU C 138 -0.85 -4.35 -57.62
N ARG C 139 -0.48 -4.82 -56.43
CA ARG C 139 0.25 -4.01 -55.46
C ARG C 139 1.56 -3.50 -56.04
N GLY C 140 2.22 -4.35 -56.83
CA GLY C 140 3.45 -4.00 -57.50
C GLY C 140 3.30 -2.91 -58.53
N ILE C 141 2.24 -2.99 -59.34
CA ILE C 141 1.99 -2.01 -60.37
C ILE C 141 1.68 -0.64 -59.77
N GLU C 142 0.79 -0.60 -58.80
CA GLU C 142 0.44 0.64 -58.13
C GLU C 142 1.66 1.14 -57.35
N GLY C 143 2.42 0.21 -56.78
CA GLY C 143 3.62 0.51 -56.03
C GLY C 143 4.66 1.19 -56.89
N SER C 144 4.77 0.75 -58.14
CA SER C 144 5.72 1.35 -59.07
C SER C 144 5.23 2.72 -59.50
N ARG C 145 3.92 2.87 -59.65
CA ARG C 145 3.32 4.12 -60.10
C ARG C 145 3.27 5.21 -59.01
N VAL C 146 3.14 4.82 -57.74
CA VAL C 146 3.10 5.80 -56.66
C VAL C 146 4.44 6.51 -56.51
N ARG C 147 5.54 5.75 -56.57
CA ARG C 147 6.87 6.35 -56.48
C ARG C 147 7.13 7.26 -57.67
N ALA C 148 6.52 6.92 -58.80
CA ALA C 148 6.62 7.74 -60.01
C ALA C 148 5.88 9.07 -59.83
N THR C 149 4.67 9.00 -59.31
CA THR C 149 3.88 10.19 -59.01
C THR C 149 4.63 11.13 -58.07
N TYR C 150 5.08 10.59 -56.93
CA TYR C 150 5.85 11.36 -55.95
C TYR C 150 7.01 12.11 -56.58
N ALA C 151 7.79 11.41 -57.40
CA ALA C 151 8.92 12.01 -58.08
C ALA C 151 8.45 13.08 -59.07
N LEU C 152 7.37 12.79 -59.78
CA LEU C 152 6.85 13.69 -60.80
C LEU C 152 6.32 14.99 -60.19
N LEU C 153 5.56 14.87 -59.10
CA LEU C 153 5.05 16.04 -58.39
C LEU C 153 6.16 16.91 -57.82
N ALA C 154 7.20 16.25 -57.31
CA ALA C 154 8.36 16.91 -56.77
C ALA C 154 9.10 17.75 -57.81
N LYS C 155 9.01 17.36 -59.08
CA LYS C 155 9.69 18.09 -60.13
C LYS C 155 8.92 19.36 -60.49
N GLN C 156 7.59 19.32 -60.45
CA GLN C 156 6.82 20.50 -60.79
C GLN C 156 6.84 21.61 -59.73
N TYR C 157 6.86 21.23 -58.46
CA TYR C 157 6.83 22.26 -57.44
C TYR C 157 8.26 22.66 -57.16
N GLY C 158 9.18 21.87 -57.70
CA GLY C 158 10.60 22.20 -57.62
C GLY C 158 11.10 22.03 -56.20
N VAL C 159 10.91 20.83 -55.67
CA VAL C 159 11.39 20.53 -54.33
C VAL C 159 12.40 19.39 -54.40
N THR C 160 13.26 19.31 -53.39
CA THR C 160 14.29 18.29 -53.40
C THR C 160 13.75 16.97 -52.88
N TRP C 161 13.56 16.03 -53.80
CA TRP C 161 13.03 14.71 -53.48
C TRP C 161 14.01 13.64 -53.93
N ASN C 162 14.33 12.72 -53.03
CA ASN C 162 15.25 11.63 -53.37
C ASN C 162 14.72 10.29 -52.86
N GLY C 163 13.77 10.35 -51.93
CA GLY C 163 13.21 9.15 -51.34
C GLY C 163 12.04 9.41 -50.42
N ARG C 164 11.46 8.33 -49.90
CA ARG C 164 10.30 8.42 -49.02
C ARG C 164 10.61 7.84 -47.64
N THR C 176 11.75 17.50 -44.42
CA THR C 176 10.74 18.55 -44.32
C THR C 176 9.53 18.23 -45.20
N ILE C 177 9.81 17.78 -46.42
CA ILE C 177 8.76 17.41 -47.38
C ILE C 177 7.95 16.21 -46.87
N ASN C 178 8.64 15.19 -46.40
CA ASN C 178 7.99 13.99 -45.88
C ASN C 178 7.14 14.31 -44.67
N GLN C 179 7.54 15.34 -43.93
CA GLN C 179 6.80 15.82 -42.77
C GLN C 179 5.44 16.39 -43.21
N CYS C 180 5.44 17.07 -44.35
CA CYS C 180 4.23 17.66 -44.90
C CYS C 180 3.28 16.58 -45.43
N ILE C 181 3.83 15.61 -46.16
CA ILE C 181 3.04 14.51 -46.71
C ILE C 181 2.39 13.68 -45.61
N SER C 182 3.20 13.32 -44.61
CA SER C 182 2.71 12.49 -43.50
C SER C 182 1.60 13.21 -42.73
N ALA C 183 1.77 14.52 -42.55
CA ALA C 183 0.76 15.33 -41.90
C ALA C 183 -0.51 15.39 -42.75
N ALA C 184 -0.32 15.53 -44.05
CA ALA C 184 -1.42 15.63 -45.00
C ALA C 184 -2.25 14.34 -45.07
N THR C 185 -1.58 13.20 -45.16
CA THR C 185 -2.26 11.91 -45.22
C THR C 185 -3.07 11.64 -43.96
N SER C 186 -2.53 12.09 -42.83
CA SER C 186 -3.22 11.92 -41.55
C SER C 186 -4.55 12.67 -41.54
N CYS C 187 -4.57 13.82 -42.21
CA CYS C 187 -5.80 14.59 -42.38
C CYS C 187 -6.82 13.84 -43.22
N LEU C 188 -6.36 13.23 -44.30
CA LEU C 188 -7.23 12.46 -45.19
C LEU C 188 -7.77 11.23 -44.49
N TYR C 189 -6.95 10.61 -43.65
CA TYR C 189 -7.36 9.42 -42.90
C TYR C 189 -8.53 9.73 -41.97
N GLY C 190 -8.61 11.00 -41.54
CA GLY C 190 -9.70 11.43 -40.69
C GLY C 190 -11.04 11.38 -41.39
N VAL C 191 -11.18 12.11 -42.48
CA VAL C 191 -12.45 12.15 -43.22
C VAL C 191 -12.80 10.81 -43.83
N THR C 192 -11.78 10.03 -44.19
CA THR C 192 -12.00 8.71 -44.75
C THR C 192 -12.66 7.78 -43.73
N GLU C 193 -12.09 7.74 -42.52
CA GLU C 193 -12.63 6.94 -41.44
C GLU C 193 -14.02 7.45 -41.04
N ALA C 194 -14.17 8.77 -41.06
CA ALA C 194 -15.43 9.41 -40.71
C ALA C 194 -16.52 9.03 -41.71
N ALA C 195 -16.14 8.79 -42.95
CA ALA C 195 -17.07 8.37 -43.99
C ALA C 195 -17.45 6.91 -43.77
N ILE C 196 -16.46 6.09 -43.43
CA ILE C 196 -16.68 4.67 -43.18
C ILE C 196 -17.66 4.47 -42.02
N LEU C 197 -17.49 5.27 -40.97
CA LEU C 197 -18.36 5.20 -39.82
C LEU C 197 -19.78 5.64 -40.18
N ALA C 198 -19.88 6.74 -40.92
CA ALA C 198 -21.17 7.27 -41.33
C ALA C 198 -21.88 6.29 -42.26
N ALA C 199 -21.10 5.59 -43.08
CA ALA C 199 -21.66 4.60 -43.99
C ALA C 199 -22.16 3.39 -43.21
N GLY C 200 -21.47 3.08 -42.12
CA GLY C 200 -21.88 1.99 -41.24
C GLY C 200 -20.95 0.80 -41.30
N TYR C 201 -19.77 0.99 -41.88
CA TYR C 201 -18.83 -0.11 -42.04
C TYR C 201 -17.69 -0.03 -41.02
N ALA C 202 -16.86 -1.08 -41.00
CA ALA C 202 -15.75 -1.15 -40.05
C ALA C 202 -14.41 -0.79 -40.71
N PRO C 203 -13.67 0.12 -40.08
CA PRO C 203 -12.37 0.61 -40.56
C PRO C 203 -11.26 -0.43 -40.43
N ALA C 204 -11.54 -1.52 -39.72
CA ALA C 204 -10.54 -2.54 -39.45
C ALA C 204 -10.47 -3.57 -40.58
N ILE C 205 -11.61 -3.79 -41.25
CA ILE C 205 -11.68 -4.78 -42.32
C ILE C 205 -11.29 -4.18 -43.66
N GLY C 206 -10.05 -4.37 -44.06
CA GLY C 206 -9.55 -3.83 -45.31
C GLY C 206 -9.44 -4.85 -46.42
N PHE C 207 -8.98 -4.40 -47.58
CA PHE C 207 -8.86 -5.26 -48.75
C PHE C 207 -7.43 -5.30 -49.28
N VAL C 208 -6.86 -4.12 -49.54
CA VAL C 208 -5.47 -4.03 -49.97
C VAL C 208 -4.57 -4.18 -48.74
N HIS C 209 -4.90 -3.43 -47.69
CA HIS C 209 -4.20 -3.54 -46.43
C HIS C 209 -5.00 -4.41 -45.48
N THR C 210 -4.31 -5.25 -44.70
CA THR C 210 -4.97 -6.15 -43.76
C THR C 210 -4.21 -6.25 -42.44
N GLY C 211 -4.89 -6.75 -41.41
CA GLY C 211 -4.27 -6.99 -40.13
C GLY C 211 -4.23 -5.80 -39.20
N LYS C 212 -4.37 -4.61 -39.75
CA LYS C 212 -4.28 -3.38 -38.97
C LYS C 212 -5.68 -2.77 -38.76
N PRO C 213 -5.87 -2.06 -37.64
CA PRO C 213 -7.20 -1.54 -37.26
C PRO C 213 -7.73 -0.42 -38.16
N LEU C 214 -6.89 0.17 -39.01
CA LEU C 214 -7.34 1.19 -39.94
C LEU C 214 -7.04 0.81 -41.38
N SER C 215 -7.13 -0.47 -41.68
CA SER C 215 -6.82 -1.00 -43.00
C SER C 215 -7.75 -0.45 -44.08
N PHE C 216 -9.05 -0.49 -43.81
CA PHE C 216 -10.05 -0.05 -44.79
C PHE C 216 -9.97 1.46 -45.02
N VAL C 217 -9.51 2.18 -44.00
CA VAL C 217 -9.32 3.62 -44.10
C VAL C 217 -8.24 3.92 -45.14
N TYR C 218 -7.18 3.13 -45.11
CA TYR C 218 -6.04 3.32 -46.02
C TYR C 218 -6.42 3.04 -47.47
N ASP C 219 -7.26 2.02 -47.66
CA ASP C 219 -7.70 1.64 -49.00
C ASP C 219 -8.42 2.76 -49.75
N ILE C 220 -9.44 3.33 -49.13
CA ILE C 220 -10.22 4.41 -49.74
C ILE C 220 -9.38 5.67 -49.87
N ALA C 221 -8.55 5.94 -48.88
CA ALA C 221 -7.76 7.16 -48.85
C ALA C 221 -6.77 7.25 -50.01
N ASP C 222 -6.13 6.12 -50.34
CA ASP C 222 -5.11 6.12 -51.39
C ASP C 222 -5.73 6.33 -52.77
N ILE C 223 -7.04 6.17 -52.87
CA ILE C 223 -7.75 6.38 -54.13
C ILE C 223 -7.76 7.87 -54.52
N ILE C 224 -7.97 8.73 -53.52
CA ILE C 224 -8.11 10.15 -53.76
C ILE C 224 -6.97 10.97 -53.16
N LYS C 225 -6.00 10.29 -52.57
CA LYS C 225 -4.90 10.95 -51.87
C LYS C 225 -4.11 11.88 -52.79
N PHE C 226 -3.86 11.42 -54.00
CA PHE C 226 -3.03 12.17 -54.95
C PHE C 226 -3.80 13.30 -55.65
N ASP C 227 -5.13 13.23 -55.63
CA ASP C 227 -5.95 14.23 -56.30
C ASP C 227 -5.73 15.66 -55.82
N THR C 228 -5.92 15.91 -54.54
CA THR C 228 -5.74 17.25 -53.99
C THR C 228 -4.78 17.31 -52.80
N VAL C 229 -4.89 16.33 -51.91
CA VAL C 229 -4.16 16.34 -50.64
C VAL C 229 -2.64 16.38 -50.80
N VAL C 230 -2.11 15.54 -51.68
CA VAL C 230 -0.66 15.49 -51.89
C VAL C 230 -0.15 16.75 -52.62
N PRO C 231 -0.80 17.18 -53.74
CA PRO C 231 -0.37 18.42 -54.39
C PRO C 231 -0.36 19.64 -53.46
N LYS C 232 -1.01 19.54 -52.31
CA LYS C 232 -1.09 20.65 -51.37
C LYS C 232 0.11 20.60 -50.43
N ALA C 233 0.46 19.41 -49.99
CA ALA C 233 1.63 19.20 -49.15
C ALA C 233 2.91 19.66 -49.85
N PHE C 234 3.05 19.35 -51.13
CA PHE C 234 4.20 19.77 -51.93
C PHE C 234 4.23 21.29 -52.09
N GLU C 235 3.06 21.88 -52.30
CA GLU C 235 2.94 23.32 -52.45
C GLU C 235 3.44 24.08 -51.21
N ILE C 236 3.00 23.62 -50.04
CA ILE C 236 3.41 24.23 -48.77
C ILE C 236 4.89 23.95 -48.49
N ALA C 237 5.34 22.76 -48.87
CA ALA C 237 6.74 22.36 -48.68
C ALA C 237 7.70 23.28 -49.43
N ARG C 238 7.25 23.76 -50.59
CA ARG C 238 8.07 24.66 -51.41
C ARG C 238 8.28 26.02 -50.77
N ARG C 239 7.24 26.57 -50.16
CA ARG C 239 7.37 27.85 -49.46
C ARG C 239 8.21 27.74 -48.19
N ASN C 240 8.23 26.54 -47.60
CA ASN C 240 9.06 26.25 -46.44
C ASN C 240 8.75 27.12 -45.22
N PRO C 241 7.60 26.90 -44.58
CA PRO C 241 7.21 27.68 -43.40
C PRO C 241 7.85 27.13 -42.12
N GLY C 242 7.92 27.96 -41.09
CA GLY C 242 8.46 27.54 -39.80
C GLY C 242 7.61 26.49 -39.11
N GLU C 243 6.31 26.52 -39.39
CA GLU C 243 5.37 25.60 -38.77
C GLU C 243 4.63 24.78 -39.83
N PRO C 244 5.33 23.83 -40.48
CA PRO C 244 4.77 23.07 -41.60
C PRO C 244 3.64 22.13 -41.19
N ASP C 245 3.70 21.62 -39.96
CA ASP C 245 2.72 20.64 -39.50
C ASP C 245 1.30 21.22 -39.41
N ARG C 246 1.18 22.36 -38.74
CA ARG C 246 -0.12 22.95 -38.48
C ARG C 246 -0.76 23.58 -39.71
N GLU C 247 0.05 24.14 -40.60
CA GLU C 247 -0.48 24.85 -41.76
C GLU C 247 -0.89 23.88 -42.87
N VAL C 248 -0.45 22.65 -42.77
CA VAL C 248 -0.87 21.61 -43.70
C VAL C 248 -2.26 21.10 -43.31
N ARG C 249 -2.49 20.95 -42.02
CA ARG C 249 -3.78 20.45 -41.54
C ARG C 249 -4.90 21.45 -41.78
N LEU C 250 -4.63 22.72 -41.50
CA LEU C 250 -5.62 23.78 -41.70
C LEU C 250 -5.92 23.94 -43.18
N ALA C 251 -4.95 23.63 -44.03
CA ALA C 251 -5.14 23.66 -45.46
C ALA C 251 -6.11 22.54 -45.86
N CYS C 252 -5.79 21.32 -45.41
CA CYS C 252 -6.64 20.16 -45.65
C CYS C 252 -8.04 20.37 -45.10
N ARG C 253 -8.11 21.04 -43.95
CA ARG C 253 -9.37 21.38 -43.32
C ARG C 253 -10.22 22.19 -44.30
N ASP C 254 -9.59 23.19 -44.92
CA ASP C 254 -10.25 24.05 -45.89
C ASP C 254 -10.63 23.29 -47.17
N ILE C 255 -9.78 22.35 -47.57
CA ILE C 255 -10.04 21.54 -48.76
C ILE C 255 -11.28 20.68 -48.61
N PHE C 256 -11.36 19.96 -47.51
CA PHE C 256 -12.49 19.08 -47.25
C PHE C 256 -13.83 19.82 -47.24
N ARG C 257 -13.82 21.06 -46.79
CA ARG C 257 -15.03 21.87 -46.75
C ARG C 257 -15.44 22.39 -48.14
N SER C 258 -14.52 23.08 -48.80
CA SER C 258 -14.81 23.70 -50.09
C SER C 258 -15.04 22.67 -51.19
N SER C 259 -14.18 21.66 -51.24
CA SER C 259 -14.24 20.64 -52.29
C SER C 259 -15.22 19.52 -51.97
N LYS C 260 -15.93 19.66 -50.85
CA LYS C 260 -16.94 18.69 -50.37
C LYS C 260 -16.43 17.24 -50.44
N THR C 261 -15.23 17.01 -49.91
CA THR C 261 -14.57 15.72 -49.98
C THR C 261 -15.39 14.60 -49.36
N LEU C 262 -15.90 14.84 -48.16
CA LEU C 262 -16.65 13.85 -47.40
C LEU C 262 -17.94 13.38 -48.10
N ALA C 263 -18.63 14.31 -48.76
CA ALA C 263 -19.91 13.99 -49.37
C ALA C 263 -19.79 13.01 -50.54
N LYS C 264 -18.62 12.95 -51.17
CA LYS C 264 -18.42 12.03 -52.28
C LYS C 264 -17.80 10.73 -51.79
N LEU C 265 -17.24 10.75 -50.58
CA LEU C 265 -16.59 9.57 -50.01
C LEU C 265 -17.59 8.45 -49.71
N ILE C 266 -18.72 8.80 -49.10
CA ILE C 266 -19.72 7.82 -48.72
C ILE C 266 -20.30 7.04 -49.92
N PRO C 267 -20.68 7.75 -51.02
CA PRO C 267 -21.15 6.95 -52.16
C PRO C 267 -20.03 6.13 -52.79
N LEU C 268 -18.80 6.62 -52.67
CA LEU C 268 -17.63 5.91 -53.20
C LEU C 268 -17.44 4.58 -52.49
N ILE C 269 -17.54 4.60 -51.16
CA ILE C 269 -17.37 3.40 -50.36
C ILE C 269 -18.41 2.35 -50.71
N GLU C 270 -19.66 2.78 -50.85
CA GLU C 270 -20.75 1.87 -51.20
C GLU C 270 -20.56 1.39 -52.63
N ASP C 271 -19.93 2.23 -53.45
CA ASP C 271 -19.61 1.87 -54.82
C ASP C 271 -18.47 0.88 -54.82
N VAL C 272 -17.54 1.08 -53.89
CA VAL C 272 -16.40 0.19 -53.73
C VAL C 272 -16.86 -1.22 -53.33
N LEU C 273 -17.76 -1.30 -52.37
CA LEU C 273 -18.24 -2.59 -51.91
C LEU C 273 -19.21 -3.24 -52.93
N ALA C 274 -19.81 -2.41 -53.78
CA ALA C 274 -20.74 -2.89 -54.79
C ALA C 274 -20.06 -3.71 -55.88
N ALA C 275 -18.73 -3.60 -55.96
CA ALA C 275 -17.96 -4.30 -56.99
C ALA C 275 -17.99 -5.82 -56.81
N GLY C 276 -18.40 -6.28 -55.63
CA GLY C 276 -18.45 -7.69 -55.34
C GLY C 276 -19.58 -8.43 -56.02
N GLU C 277 -20.48 -7.69 -56.65
CA GLU C 277 -21.64 -8.25 -57.34
C GLU C 277 -22.52 -9.03 -56.37
N ILE C 278 -22.46 -8.64 -55.10
CA ILE C 278 -23.27 -9.26 -54.05
C ILE C 278 -24.28 -8.23 -53.55
N GLN C 279 -25.51 -8.69 -53.34
CA GLN C 279 -26.59 -7.83 -52.86
C GLN C 279 -26.24 -7.02 -51.62
N PRO C 280 -26.32 -5.69 -51.73
CA PRO C 280 -26.10 -4.77 -50.61
C PRO C 280 -27.36 -4.62 -49.76
N PRO C 281 -27.20 -4.28 -48.47
CA PRO C 281 -28.35 -4.06 -47.58
C PRO C 281 -29.22 -2.88 -48.04
N LEU D 5 3.48 13.41 -24.39
CA LEU D 5 3.60 11.97 -24.22
C LEU D 5 2.28 11.26 -24.49
N PRO D 6 2.34 10.09 -25.14
CA PRO D 6 1.13 9.32 -25.47
C PRO D 6 0.49 8.67 -24.25
N LEU D 7 -0.82 8.49 -24.30
CA LEU D 7 -1.54 7.83 -23.21
C LEU D 7 -2.29 6.62 -23.74
N ASN D 8 -2.05 5.46 -23.12
CA ASN D 8 -2.67 4.22 -23.57
C ASN D 8 -3.56 3.59 -22.50
N PRO D 9 -4.63 2.91 -22.93
CA PRO D 9 -5.59 2.27 -22.01
C PRO D 9 -4.99 1.08 -21.27
N ILE D 10 -5.36 0.96 -20.00
CA ILE D 10 -4.93 -0.17 -19.17
C ILE D 10 -5.89 -1.34 -19.33
N PRO D 11 -5.41 -2.57 -19.05
CA PRO D 11 -6.25 -3.78 -19.14
C PRO D 11 -7.58 -3.64 -18.40
N LEU D 12 -8.61 -4.31 -18.92
CA LEU D 12 -9.97 -4.19 -18.40
C LEU D 12 -10.09 -4.77 -16.99
N LYS D 13 -9.38 -5.87 -16.76
CA LYS D 13 -9.48 -6.61 -15.50
C LYS D 13 -8.92 -5.81 -14.31
N ASP D 14 -7.97 -4.93 -14.58
CA ASP D 14 -7.36 -4.12 -13.54
C ASP D 14 -8.25 -2.93 -13.17
N ARG D 15 -9.32 -2.75 -13.91
CA ARG D 15 -10.20 -1.58 -13.73
C ARG D 15 -11.40 -1.77 -12.79
N VAL D 16 -11.94 -0.64 -12.36
CA VAL D 16 -13.16 -0.60 -11.58
C VAL D 16 -14.31 -0.89 -12.53
N SER D 17 -15.35 -1.55 -12.06
CA SER D 17 -16.45 -1.94 -12.94
C SER D 17 -17.27 -0.75 -13.45
N MET D 18 -18.02 -0.07 -12.57
CA MET D 18 -18.88 1.02 -13.04
C MET D 18 -18.94 2.29 -12.18
N ILE D 19 -19.33 3.38 -12.83
CA ILE D 19 -19.56 4.68 -12.18
C ILE D 19 -20.81 5.32 -12.80
N PHE D 20 -21.59 6.03 -11.98
CA PHE D 20 -22.78 6.74 -12.47
C PHE D 20 -22.68 8.24 -12.29
N LEU D 21 -22.81 9.00 -13.39
CA LEU D 21 -22.76 10.46 -13.30
C LEU D 21 -24.09 11.10 -13.69
N GLN D 22 -24.55 12.07 -12.90
CA GLN D 22 -25.81 12.75 -13.19
C GLN D 22 -25.81 14.25 -12.86
N TYR D 23 -26.68 14.99 -13.54
CA TYR D 23 -26.92 16.42 -13.32
C TYR D 23 -25.65 17.27 -13.10
N GLY D 24 -24.99 17.58 -14.20
CA GLY D 24 -23.81 18.43 -14.17
C GLY D 24 -23.15 18.47 -15.54
N GLN D 25 -22.25 19.42 -15.74
CA GLN D 25 -21.50 19.45 -16.99
C GLN D 25 -20.13 18.78 -16.84
N ILE D 26 -19.78 17.98 -17.83
CA ILE D 26 -18.53 17.22 -17.85
C ILE D 26 -17.53 17.86 -18.79
N ASP D 27 -16.52 18.49 -18.20
CA ASP D 27 -15.49 19.18 -18.98
C ASP D 27 -14.14 18.54 -18.75
N VAL D 28 -13.12 19.09 -19.39
CA VAL D 28 -11.75 18.60 -19.22
C VAL D 28 -10.87 19.74 -18.72
N ILE D 29 -10.34 19.56 -17.52
CA ILE D 29 -9.48 20.56 -16.90
C ILE D 29 -8.09 20.00 -16.75
N ASP D 30 -7.14 20.62 -17.46
CA ASP D 30 -5.73 20.25 -17.40
C ASP D 30 -5.53 18.81 -17.87
N GLY D 31 -6.43 18.34 -18.74
CA GLY D 31 -6.33 17.01 -19.29
C GLY D 31 -6.94 15.92 -18.43
N ALA D 32 -7.94 16.27 -17.62
CA ALA D 32 -8.56 15.30 -16.74
C ALA D 32 -10.08 15.38 -16.74
N PHE D 33 -10.72 14.22 -16.58
CA PHE D 33 -12.17 14.09 -16.52
C PHE D 33 -12.72 14.72 -15.25
N VAL D 34 -13.53 15.77 -15.38
CA VAL D 34 -14.14 16.41 -14.22
C VAL D 34 -15.65 16.56 -14.37
N LEU D 35 -16.35 16.59 -13.25
CA LEU D 35 -17.80 16.81 -13.25
C LEU D 35 -18.20 18.03 -12.43
N ILE D 36 -18.51 19.13 -13.09
CA ILE D 36 -18.93 20.35 -12.39
C ILE D 36 -20.45 20.28 -12.19
N ASP D 37 -20.93 20.72 -11.04
CA ASP D 37 -22.36 20.65 -10.72
C ASP D 37 -23.05 22.00 -10.62
N LYS D 38 -24.33 21.96 -10.29
CA LYS D 38 -25.14 23.16 -10.10
C LYS D 38 -24.49 24.20 -9.17
N THR D 39 -24.05 23.77 -8.00
CA THR D 39 -23.37 24.64 -7.05
C THR D 39 -21.99 25.10 -7.53
N GLY D 40 -21.41 24.35 -8.43
CA GLY D 40 -20.11 24.69 -9.01
C GLY D 40 -18.95 23.99 -8.35
N ILE D 41 -19.24 22.93 -7.58
CA ILE D 41 -18.21 22.10 -6.98
C ILE D 41 -17.73 21.12 -8.05
N ARG D 42 -16.44 20.81 -8.06
CA ARG D 42 -15.89 19.96 -9.10
C ARG D 42 -15.56 18.58 -8.54
N THR D 43 -15.67 17.57 -9.40
CA THR D 43 -15.39 16.20 -9.01
C THR D 43 -14.58 15.51 -10.10
N HIS D 44 -13.39 15.06 -9.73
CA HIS D 44 -12.51 14.42 -10.70
C HIS D 44 -12.77 12.92 -10.73
N ILE D 45 -12.87 12.38 -11.94
CA ILE D 45 -13.20 10.97 -12.12
C ILE D 45 -12.05 10.28 -12.84
N PRO D 46 -11.45 9.27 -12.19
CA PRO D 46 -10.37 8.52 -12.83
C PRO D 46 -10.90 7.70 -13.99
N VAL D 47 -10.97 8.31 -15.17
CA VAL D 47 -11.60 7.70 -16.33
C VAL D 47 -10.81 6.49 -16.84
N GLY D 48 -9.49 6.49 -16.61
CA GLY D 48 -8.65 5.40 -17.05
C GLY D 48 -8.62 4.25 -16.05
N SER D 49 -9.51 4.33 -15.07
CA SER D 49 -9.61 3.36 -13.98
C SER D 49 -10.93 2.62 -14.08
N VAL D 50 -11.85 3.21 -14.84
CA VAL D 50 -13.20 2.69 -15.01
C VAL D 50 -13.40 2.01 -16.35
N ALA D 51 -14.03 0.83 -16.33
CA ALA D 51 -14.26 0.07 -17.54
C ALA D 51 -15.53 0.53 -18.24
N CYS D 52 -16.37 1.27 -17.50
CA CYS D 52 -17.62 1.78 -18.06
C CYS D 52 -18.23 2.89 -17.20
N ILE D 53 -18.54 4.02 -17.84
CA ILE D 53 -19.14 5.17 -17.15
C ILE D 53 -20.56 5.41 -17.63
N MET D 54 -21.52 5.30 -16.73
CA MET D 54 -22.93 5.51 -17.08
C MET D 54 -23.32 6.97 -16.94
N LEU D 55 -23.93 7.52 -18.00
CA LEU D 55 -24.34 8.92 -18.00
C LEU D 55 -25.86 9.06 -17.91
N GLU D 56 -26.32 9.45 -16.73
CA GLU D 56 -27.75 9.63 -16.47
C GLU D 56 -28.22 11.00 -16.97
N PRO D 57 -29.55 11.19 -17.11
CA PRO D 57 -30.10 12.48 -17.54
C PRO D 57 -29.64 13.65 -16.67
N GLY D 58 -29.44 14.80 -17.31
CA GLY D 58 -28.97 15.99 -16.61
C GLY D 58 -27.49 16.23 -16.86
N THR D 59 -26.84 15.31 -17.58
CA THR D 59 -25.43 15.44 -17.88
C THR D 59 -25.20 16.13 -19.21
N ARG D 60 -24.18 16.97 -19.28
CA ARG D 60 -23.81 17.64 -20.51
C ARG D 60 -22.32 17.49 -20.76
N VAL D 61 -21.96 16.56 -21.64
CA VAL D 61 -20.57 16.25 -21.94
C VAL D 61 -19.97 17.25 -22.92
N SER D 62 -18.67 17.50 -22.77
CA SER D 62 -17.95 18.36 -23.69
C SER D 62 -17.24 17.52 -24.74
N HIS D 63 -16.81 18.17 -25.82
CA HIS D 63 -16.13 17.48 -26.92
C HIS D 63 -14.83 16.86 -26.44
N ALA D 64 -14.10 17.61 -25.61
CA ALA D 64 -12.84 17.15 -25.06
C ALA D 64 -13.04 15.94 -24.17
N ALA D 65 -14.16 15.92 -23.45
CA ALA D 65 -14.48 14.83 -22.53
C ALA D 65 -14.63 13.49 -23.24
N VAL D 66 -15.45 13.48 -24.30
CA VAL D 66 -15.69 12.26 -25.04
C VAL D 66 -14.41 11.77 -25.73
N ARG D 67 -13.61 12.73 -26.21
CA ARG D 67 -12.35 12.41 -26.86
C ARG D 67 -11.36 11.77 -25.89
N LEU D 68 -11.23 12.36 -24.71
CA LEU D 68 -10.29 11.88 -23.70
C LEU D 68 -10.64 10.48 -23.22
N ALA D 69 -11.92 10.26 -22.95
CA ALA D 69 -12.41 9.00 -22.44
C ALA D 69 -12.21 7.84 -23.42
N ALA D 70 -12.23 8.15 -24.72
CA ALA D 70 -12.03 7.11 -25.73
C ALA D 70 -10.60 6.58 -25.73
N GLN D 71 -9.62 7.48 -25.69
CA GLN D 71 -8.21 7.09 -25.71
C GLN D 71 -7.81 6.24 -24.50
N VAL D 72 -8.48 6.45 -23.37
CA VAL D 72 -8.12 5.73 -22.15
C VAL D 72 -8.87 4.41 -22.08
N GLY D 73 -9.77 4.19 -23.05
CA GLY D 73 -10.48 2.92 -23.17
C GLY D 73 -11.68 2.78 -22.26
N THR D 74 -12.31 3.91 -21.95
CA THR D 74 -13.49 3.90 -21.11
C THR D 74 -14.76 4.03 -21.94
N LEU D 75 -15.73 3.16 -21.69
CA LEU D 75 -16.99 3.20 -22.44
C LEU D 75 -17.95 4.19 -21.81
N LEU D 76 -18.59 5.00 -22.66
CA LEU D 76 -19.58 5.97 -22.20
C LEU D 76 -20.97 5.50 -22.54
N VAL D 77 -21.81 5.35 -21.53
CA VAL D 77 -23.17 4.92 -21.74
C VAL D 77 -24.17 5.95 -21.23
N TRP D 78 -25.01 6.42 -22.16
CA TRP D 78 -26.10 7.32 -21.82
C TRP D 78 -27.26 6.45 -21.39
N VAL D 79 -27.67 6.57 -20.13
CA VAL D 79 -28.65 5.65 -19.60
C VAL D 79 -30.00 6.32 -19.38
N GLY D 80 -31.06 5.51 -19.47
CA GLY D 80 -32.42 5.95 -19.23
C GLY D 80 -32.96 5.76 -17.82
N GLU D 81 -34.28 5.61 -17.74
CA GLU D 81 -34.99 5.37 -16.50
C GLU D 81 -34.67 3.98 -15.97
N ALA D 82 -34.32 3.91 -14.69
CA ALA D 82 -33.96 2.65 -14.03
C ALA D 82 -32.72 2.01 -14.68
N GLY D 83 -31.84 2.86 -15.19
CA GLY D 83 -30.56 2.45 -15.70
C GLY D 83 -30.51 1.71 -17.02
N VAL D 84 -31.62 1.74 -17.77
CA VAL D 84 -31.64 1.09 -19.08
C VAL D 84 -30.68 1.79 -20.04
N ARG D 85 -29.93 1.02 -20.82
CA ARG D 85 -28.96 1.61 -21.74
C ARG D 85 -29.65 2.23 -22.95
N VAL D 86 -29.24 3.45 -23.30
CA VAL D 86 -29.76 4.13 -24.47
C VAL D 86 -28.71 4.16 -25.58
N TYR D 87 -27.68 4.99 -25.39
CA TYR D 87 -26.64 5.18 -26.39
C TYR D 87 -25.26 4.86 -25.82
N ALA D 88 -24.28 4.67 -26.70
CA ALA D 88 -22.91 4.40 -26.26
C ALA D 88 -21.87 4.96 -27.22
N SER D 89 -20.76 5.45 -26.66
CA SER D 89 -19.66 5.98 -27.46
C SER D 89 -18.33 5.31 -27.06
N GLY D 90 -17.47 5.11 -28.04
CA GLY D 90 -16.17 4.49 -27.80
C GLY D 90 -15.28 4.58 -29.02
N GLN D 91 -14.02 4.17 -28.86
CA GLN D 91 -13.03 4.17 -29.94
C GLN D 91 -13.60 3.65 -31.25
N PRO D 92 -13.52 4.47 -32.31
CA PRO D 92 -14.05 4.14 -33.64
C PRO D 92 -13.29 2.99 -34.31
N GLY D 93 -13.26 1.84 -33.66
CA GLY D 93 -12.57 0.65 -34.16
C GLY D 93 -11.10 0.94 -34.49
N ALA D 95 -12.53 -3.13 -33.31
CA ALA D 95 -11.23 -2.61 -32.89
C ALA D 95 -10.09 -3.29 -33.64
N ARG D 96 -9.91 -4.60 -33.42
CA ARG D 96 -8.87 -5.34 -34.11
C ARG D 96 -9.44 -6.16 -35.27
N SER D 97 -8.76 -6.13 -36.41
CA SER D 97 -9.26 -6.79 -37.60
C SER D 97 -9.29 -8.32 -37.53
N ASP D 98 -8.25 -8.91 -36.96
CA ASP D 98 -8.15 -10.36 -36.85
C ASP D 98 -9.25 -10.96 -35.97
N LYS D 99 -9.46 -10.36 -34.80
CA LYS D 99 -10.50 -10.84 -33.88
C LYS D 99 -11.89 -10.59 -34.42
N LEU D 100 -12.02 -9.56 -35.26
CA LEU D 100 -13.31 -9.21 -35.88
C LEU D 100 -13.66 -10.15 -37.03
N LEU D 101 -12.71 -10.40 -37.92
CA LEU D 101 -12.93 -11.34 -39.03
C LEU D 101 -13.18 -12.75 -38.51
N TYR D 102 -12.52 -13.09 -37.42
CA TYR D 102 -12.71 -14.38 -36.76
C TYR D 102 -14.17 -14.49 -36.30
N GLN D 103 -14.66 -13.44 -35.65
CA GLN D 103 -16.06 -13.36 -35.23
C GLN D 103 -17.02 -13.38 -36.41
N ALA D 104 -16.66 -12.66 -37.47
CA ALA D 104 -17.49 -12.53 -38.64
C ALA D 104 -17.72 -13.85 -39.37
N LYS D 105 -16.63 -14.54 -39.69
CA LYS D 105 -16.69 -15.81 -40.42
C LYS D 105 -17.59 -16.84 -39.72
N LEU D 106 -17.55 -16.85 -38.40
CA LEU D 106 -18.37 -17.75 -37.60
C LEU D 106 -19.86 -17.44 -37.75
N ALA D 107 -20.15 -16.19 -38.08
CA ALA D 107 -21.53 -15.72 -38.19
C ALA D 107 -22.07 -15.89 -39.60
N LEU D 108 -21.16 -15.98 -40.57
CA LEU D 108 -21.56 -16.06 -41.97
C LEU D 108 -21.94 -17.48 -42.36
N ASP D 109 -21.43 -18.45 -41.59
CA ASP D 109 -21.76 -19.85 -41.83
C ASP D 109 -22.65 -20.36 -40.71
N GLU D 110 -23.87 -20.77 -41.04
CA GLU D 110 -24.80 -21.21 -40.01
C GLU D 110 -24.41 -22.58 -39.45
N ASP D 111 -23.53 -23.29 -40.17
CA ASP D 111 -22.96 -24.51 -39.64
C ASP D 111 -22.06 -24.17 -38.47
N LEU D 112 -21.25 -23.13 -38.63
CA LEU D 112 -20.38 -22.66 -37.56
C LEU D 112 -21.15 -21.79 -36.57
N ARG D 113 -22.30 -21.28 -37.00
CA ARG D 113 -23.19 -20.50 -36.14
C ARG D 113 -23.83 -21.44 -35.14
N LEU D 114 -24.24 -22.61 -35.64
CA LEU D 114 -24.87 -23.64 -34.82
C LEU D 114 -23.95 -24.01 -33.66
N LYS D 115 -22.71 -24.39 -33.97
CA LYS D 115 -21.69 -24.66 -32.96
C LYS D 115 -21.68 -23.64 -31.82
N VAL D 116 -21.62 -22.37 -32.17
CA VAL D 116 -21.55 -21.30 -31.17
C VAL D 116 -22.85 -21.13 -30.37
N VAL D 117 -23.98 -21.32 -31.04
CA VAL D 117 -25.27 -21.27 -30.35
C VAL D 117 -25.36 -22.43 -29.35
N ARG D 118 -24.87 -23.59 -29.77
CA ARG D 118 -24.87 -24.78 -28.93
C ARG D 118 -24.00 -24.64 -27.68
N LYS D 119 -22.84 -24.01 -27.81
CA LYS D 119 -21.95 -23.86 -26.67
C LYS D 119 -22.50 -22.85 -25.67
N MET D 120 -23.08 -21.76 -26.18
CA MET D 120 -23.77 -20.79 -25.34
C MET D 120 -24.84 -21.48 -24.51
N PHE D 121 -25.58 -22.39 -25.14
CA PHE D 121 -26.57 -23.20 -24.46
C PHE D 121 -25.93 -24.07 -23.38
N GLU D 122 -24.86 -24.76 -23.74
CA GLU D 122 -24.18 -25.68 -22.83
C GLU D 122 -23.58 -24.94 -21.64
N LEU D 123 -23.07 -23.74 -21.88
CA LEU D 123 -22.48 -22.94 -20.82
C LEU D 123 -23.55 -22.34 -19.92
N ARG D 124 -24.72 -22.07 -20.47
CA ARG D 124 -25.81 -21.46 -19.72
C ARG D 124 -26.37 -22.42 -18.67
N PHE D 125 -26.74 -23.63 -19.10
CA PHE D 125 -27.43 -24.56 -18.22
C PHE D 125 -26.55 -25.68 -17.67
N GLY D 126 -25.38 -25.87 -18.28
CA GLY D 126 -24.44 -26.88 -17.80
C GLY D 126 -24.45 -28.19 -18.55
N GLU D 127 -25.55 -28.47 -19.26
CA GLU D 127 -25.66 -29.70 -20.03
C GLU D 127 -25.63 -29.39 -21.52
N PRO D 128 -25.02 -30.30 -22.32
CA PRO D 128 -25.01 -30.13 -23.77
C PRO D 128 -26.42 -30.06 -24.34
N ALA D 129 -26.63 -29.26 -25.39
CA ALA D 129 -27.94 -29.13 -25.99
C ALA D 129 -28.37 -30.43 -26.65
N PRO D 130 -29.68 -30.72 -26.63
CA PRO D 130 -30.23 -31.90 -27.32
C PRO D 130 -29.95 -31.88 -28.81
N ALA D 131 -29.63 -33.04 -29.36
CA ALA D 131 -29.23 -33.15 -30.75
C ALA D 131 -30.39 -32.97 -31.73
N ARG D 132 -30.04 -32.83 -33.00
CA ARG D 132 -31.00 -32.70 -34.11
C ARG D 132 -32.01 -31.57 -33.94
N ARG D 133 -31.54 -30.41 -33.48
CA ARG D 133 -32.37 -29.21 -33.40
C ARG D 133 -31.61 -28.00 -33.94
N SER D 134 -32.24 -27.25 -34.85
CA SER D 134 -31.61 -26.09 -35.47
C SER D 134 -31.56 -24.86 -34.55
N VAL D 135 -30.93 -23.80 -35.03
CA VAL D 135 -30.77 -22.56 -34.25
C VAL D 135 -32.11 -21.99 -33.78
N GLU D 136 -33.05 -21.85 -34.70
CA GLU D 136 -34.34 -21.25 -34.41
C GLU D 136 -35.20 -22.13 -33.51
N GLN D 137 -34.89 -23.43 -33.49
CA GLN D 137 -35.55 -24.37 -32.60
C GLN D 137 -35.01 -24.28 -31.18
N LEU D 138 -33.72 -24.02 -31.05
CA LEU D 138 -33.05 -23.88 -29.76
C LEU D 138 -33.60 -22.71 -28.94
N ARG D 139 -34.00 -21.64 -29.64
CA ARG D 139 -34.58 -20.47 -28.99
C ARG D 139 -35.81 -20.80 -28.15
N GLY D 140 -36.61 -21.74 -28.63
CA GLY D 140 -37.78 -22.19 -27.89
C GLY D 140 -37.36 -22.81 -26.57
N ILE D 141 -36.32 -23.64 -26.62
CA ILE D 141 -35.82 -24.27 -25.40
C ILE D 141 -35.25 -23.21 -24.45
N GLU D 142 -34.44 -22.31 -24.98
CA GLU D 142 -33.85 -21.25 -24.17
C GLU D 142 -34.92 -20.32 -23.63
N GLY D 143 -35.91 -20.02 -24.48
CA GLY D 143 -37.01 -19.16 -24.09
C GLY D 143 -37.86 -19.77 -22.99
N SER D 144 -38.09 -21.08 -23.09
CA SER D 144 -38.92 -21.78 -22.11
C SER D 144 -38.21 -21.91 -20.77
N ARG D 145 -36.90 -22.09 -20.79
CA ARG D 145 -36.15 -22.22 -19.56
C ARG D 145 -36.03 -20.89 -18.85
N VAL D 146 -36.02 -19.80 -19.61
CA VAL D 146 -35.94 -18.46 -19.03
C VAL D 146 -37.22 -18.12 -18.26
N ARG D 147 -38.36 -18.34 -18.91
CA ARG D 147 -39.65 -18.11 -18.28
C ARG D 147 -39.89 -19.11 -17.14
N ALA D 148 -39.36 -20.31 -17.29
CA ALA D 148 -39.43 -21.32 -16.25
C ALA D 148 -38.56 -20.88 -15.09
N THR D 149 -37.35 -20.43 -15.42
CA THR D 149 -36.43 -19.93 -14.42
C THR D 149 -37.11 -18.79 -13.67
N TYR D 150 -37.54 -17.75 -14.39
CA TYR D 150 -38.18 -16.57 -13.80
C TYR D 150 -39.29 -16.91 -12.80
N ALA D 151 -40.17 -17.84 -13.17
CA ALA D 151 -41.27 -18.27 -12.31
C ALA D 151 -40.79 -18.93 -11.02
N LEU D 152 -39.76 -19.76 -11.15
CA LEU D 152 -39.20 -20.52 -10.04
C LEU D 152 -38.61 -19.62 -8.96
N LEU D 153 -37.86 -18.63 -9.42
CA LEU D 153 -37.19 -17.65 -8.59
C LEU D 153 -38.18 -16.81 -7.78
N ALA D 154 -39.31 -16.48 -8.40
CA ALA D 154 -40.37 -15.74 -7.73
C ALA D 154 -40.89 -16.54 -6.54
N LYS D 155 -40.81 -17.86 -6.65
CA LYS D 155 -41.22 -18.77 -5.59
C LYS D 155 -40.14 -18.88 -4.53
N GLN D 156 -38.89 -18.80 -4.95
CA GLN D 156 -37.76 -18.92 -4.01
C GLN D 156 -37.66 -17.71 -3.10
N TYR D 157 -37.88 -16.52 -3.66
CA TYR D 157 -37.79 -15.28 -2.90
C TYR D 157 -39.17 -14.76 -2.48
N GLY D 158 -40.21 -15.37 -3.03
CA GLY D 158 -41.57 -15.03 -2.66
C GLY D 158 -42.08 -13.71 -3.19
N VAL D 159 -42.03 -13.52 -4.51
CA VAL D 159 -42.57 -12.33 -5.14
C VAL D 159 -43.68 -12.75 -6.11
N THR D 160 -44.61 -11.84 -6.39
CA THR D 160 -45.73 -12.11 -7.28
C THR D 160 -45.40 -11.91 -8.76
N TRP D 161 -45.36 -13.02 -9.51
CA TRP D 161 -45.04 -12.96 -10.94
C TRP D 161 -46.19 -13.53 -11.76
N ILE D 177 -40.64 -4.36 -9.25
CA ILE D 177 -39.90 -5.61 -9.42
C ILE D 177 -39.12 -5.60 -10.73
N ASN D 178 -39.78 -5.25 -11.83
CA ASN D 178 -39.14 -5.17 -13.14
C ASN D 178 -38.07 -4.10 -13.19
N GLN D 179 -38.23 -3.07 -12.36
CA GLN D 179 -37.27 -1.97 -12.27
C GLN D 179 -35.92 -2.48 -11.76
N CYS D 180 -35.96 -3.42 -10.82
CA CYS D 180 -34.75 -3.99 -10.26
C CYS D 180 -34.04 -4.91 -11.26
N ILE D 181 -34.82 -5.75 -11.94
CA ILE D 181 -34.27 -6.68 -12.93
C ILE D 181 -33.62 -5.93 -14.08
N SER D 182 -34.34 -4.97 -14.63
CA SER D 182 -33.86 -4.18 -15.76
C SER D 182 -32.61 -3.38 -15.40
N ALA D 183 -32.61 -2.81 -14.19
CA ALA D 183 -31.46 -2.05 -13.72
C ALA D 183 -30.22 -2.92 -13.56
N ALA D 184 -30.40 -4.11 -12.99
CA ALA D 184 -29.28 -5.01 -12.76
C ALA D 184 -28.68 -5.53 -14.07
N THR D 185 -29.56 -5.98 -14.96
CA THR D 185 -29.12 -6.51 -16.26
C THR D 185 -28.46 -5.43 -17.12
N SER D 186 -29.00 -4.22 -17.04
CA SER D 186 -28.45 -3.09 -17.79
C SER D 186 -27.03 -2.77 -17.36
N CYS D 187 -26.75 -2.94 -16.07
CA CYS D 187 -25.41 -2.75 -15.54
C CYS D 187 -24.47 -3.79 -16.14
N LEU D 188 -24.93 -5.02 -16.22
CA LEU D 188 -24.15 -6.10 -16.79
C LEU D 188 -23.93 -5.86 -18.27
N TYR D 189 -24.95 -5.34 -18.96
CA TYR D 189 -24.87 -5.06 -20.38
C TYR D 189 -23.82 -3.98 -20.68
N GLY D 190 -23.61 -3.09 -19.72
CA GLY D 190 -22.61 -2.04 -19.85
C GLY D 190 -21.20 -2.60 -19.90
N VAL D 191 -20.82 -3.29 -18.84
CA VAL D 191 -19.48 -3.88 -18.74
C VAL D 191 -19.27 -4.97 -19.79
N THR D 192 -20.35 -5.65 -20.17
CA THR D 192 -20.27 -6.69 -21.19
C THR D 192 -19.89 -6.08 -22.53
N GLU D 193 -20.59 -5.01 -22.91
CA GLU D 193 -20.30 -4.31 -24.15
C GLU D 193 -18.90 -3.70 -24.10
N ALA D 194 -18.54 -3.18 -22.95
CA ALA D 194 -17.21 -2.59 -22.74
C ALA D 194 -16.13 -3.66 -22.84
N ALA D 195 -16.47 -4.89 -22.47
CA ALA D 195 -15.54 -6.00 -22.55
C ALA D 195 -15.37 -6.44 -24.00
N ILE D 196 -16.47 -6.51 -24.73
CA ILE D 196 -16.45 -6.90 -26.13
C ILE D 196 -15.64 -5.92 -26.98
N LEU D 197 -15.81 -4.63 -26.71
CA LEU D 197 -15.08 -3.59 -27.43
C LEU D 197 -13.60 -3.66 -27.11
N ALA D 198 -13.28 -3.80 -25.83
CA ALA D 198 -11.89 -3.86 -25.38
C ALA D 198 -11.20 -5.11 -25.92
N ALA D 199 -11.96 -6.19 -26.06
CA ALA D 199 -11.43 -7.44 -26.58
C ALA D 199 -11.11 -7.32 -28.07
N GLY D 200 -11.90 -6.50 -28.76
CA GLY D 200 -11.67 -6.25 -30.17
C GLY D 200 -12.78 -6.83 -31.05
N TYR D 201 -13.88 -7.21 -30.42
CA TYR D 201 -15.00 -7.81 -31.14
C TYR D 201 -16.11 -6.79 -31.35
N ALA D 202 -17.11 -7.16 -32.14
CA ALA D 202 -18.22 -6.26 -32.43
C ALA D 202 -19.45 -6.62 -31.61
N PRO D 203 -20.02 -5.64 -30.91
CA PRO D 203 -21.21 -5.86 -30.08
C PRO D 203 -22.48 -6.04 -30.92
N ALA D 204 -22.39 -5.75 -32.21
CA ALA D 204 -23.55 -5.82 -33.10
C ALA D 204 -23.72 -7.20 -33.72
N ILE D 205 -22.61 -7.90 -33.92
CA ILE D 205 -22.64 -9.21 -34.57
C ILE D 205 -22.86 -10.32 -33.56
N GLY D 206 -24.11 -10.74 -33.41
CA GLY D 206 -24.46 -11.79 -32.46
C GLY D 206 -24.75 -13.12 -33.12
N PHE D 207 -25.09 -14.11 -32.31
CA PHE D 207 -25.37 -15.46 -32.80
C PHE D 207 -26.77 -15.91 -32.37
N VAL D 208 -27.06 -15.82 -31.08
CA VAL D 208 -28.37 -16.14 -30.57
C VAL D 208 -29.36 -15.00 -30.81
N HIS D 209 -28.95 -13.78 -30.49
CA HIS D 209 -29.79 -12.62 -30.75
C HIS D 209 -29.39 -11.96 -32.07
N THR D 210 -30.38 -11.52 -32.83
CA THR D 210 -30.15 -10.88 -34.11
C THR D 210 -31.10 -9.69 -34.31
N GLY D 211 -30.74 -8.83 -35.26
CA GLY D 211 -31.60 -7.71 -35.62
C GLY D 211 -31.38 -6.48 -34.76
N LYS D 212 -30.81 -6.68 -33.57
CA LYS D 212 -30.61 -5.59 -32.63
C LYS D 212 -29.13 -5.17 -32.59
N PRO D 213 -28.88 -3.89 -32.30
CA PRO D 213 -27.52 -3.33 -32.33
C PRO D 213 -26.62 -3.86 -31.21
N LEU D 214 -27.19 -4.56 -30.25
CA LEU D 214 -26.44 -5.13 -29.15
C LEU D 214 -26.60 -6.64 -29.09
N SER D 215 -26.63 -7.27 -30.27
CA SER D 215 -26.87 -8.70 -30.37
C SER D 215 -25.81 -9.53 -29.65
N PHE D 216 -24.54 -9.23 -29.90
CA PHE D 216 -23.47 -10.00 -29.28
C PHE D 216 -23.37 -9.74 -27.79
N VAL D 217 -23.77 -8.54 -27.37
CA VAL D 217 -23.77 -8.18 -25.95
C VAL D 217 -24.78 -9.02 -25.18
N TYR D 218 -25.97 -9.18 -25.75
CA TYR D 218 -27.02 -9.97 -25.11
C TYR D 218 -26.65 -11.44 -25.05
N ASP D 219 -26.01 -11.93 -26.12
CA ASP D 219 -25.61 -13.33 -26.21
C ASP D 219 -24.67 -13.75 -25.09
N ILE D 220 -23.60 -12.99 -24.89
CA ILE D 220 -22.62 -13.30 -23.86
C ILE D 220 -23.20 -13.11 -22.45
N ALA D 221 -23.98 -12.06 -22.27
CA ALA D 221 -24.48 -11.69 -20.95
C ALA D 221 -25.46 -12.69 -20.32
N ASP D 222 -26.43 -13.18 -21.10
CA ASP D 222 -27.46 -14.06 -20.54
C ASP D 222 -26.91 -15.45 -20.18
N ILE D 223 -25.70 -15.75 -20.61
CA ILE D 223 -25.06 -17.01 -20.26
C ILE D 223 -24.81 -17.01 -18.75
N ILE D 224 -24.40 -15.87 -18.23
CA ILE D 224 -24.06 -15.75 -16.81
C ILE D 224 -25.02 -14.82 -16.08
N LYS D 225 -25.99 -14.27 -16.81
CA LYS D 225 -26.94 -13.31 -16.24
C LYS D 225 -27.80 -13.91 -15.14
N PHE D 226 -28.24 -15.15 -15.33
CA PHE D 226 -29.16 -15.78 -14.38
C PHE D 226 -28.43 -16.20 -13.12
N ASP D 227 -27.11 -16.34 -13.24
CA ASP D 227 -26.24 -16.72 -12.12
C ASP D 227 -26.30 -15.75 -10.95
N THR D 228 -26.30 -14.45 -11.23
CA THR D 228 -26.31 -13.46 -10.16
C THR D 228 -27.54 -12.55 -10.15
N VAL D 229 -28.00 -12.12 -11.32
CA VAL D 229 -29.13 -11.20 -11.38
C VAL D 229 -30.28 -11.83 -10.63
N VAL D 230 -30.49 -13.12 -10.83
CA VAL D 230 -31.57 -13.78 -10.13
C VAL D 230 -31.33 -13.98 -8.62
N PRO D 231 -30.20 -14.60 -8.21
CA PRO D 231 -30.04 -14.70 -6.76
C PRO D 231 -29.98 -13.37 -6.00
N LYS D 232 -29.69 -12.26 -6.68
CA LYS D 232 -29.53 -11.02 -5.94
C LYS D 232 -30.46 -9.86 -6.32
N ALA D 233 -30.70 -9.62 -7.60
CA ALA D 233 -31.64 -8.56 -8.00
C ALA D 233 -33.04 -8.84 -7.46
N PHE D 234 -33.47 -10.09 -7.51
CA PHE D 234 -34.76 -10.49 -6.93
C PHE D 234 -34.82 -10.25 -5.43
N GLU D 235 -33.71 -10.51 -4.76
CA GLU D 235 -33.60 -10.31 -3.32
C GLU D 235 -33.91 -8.86 -2.94
N ILE D 236 -33.34 -7.94 -3.71
CA ILE D 236 -33.52 -6.52 -3.47
C ILE D 236 -34.95 -6.05 -3.77
N ALA D 237 -35.57 -6.63 -4.79
CA ALA D 237 -36.93 -6.22 -5.17
C ALA D 237 -38.01 -6.47 -4.10
N ARG D 238 -37.93 -7.61 -3.41
CA ARG D 238 -38.86 -7.94 -2.34
C ARG D 238 -38.63 -7.11 -1.08
N ARG D 239 -37.36 -6.83 -0.78
CA ARG D 239 -37.01 -6.01 0.37
C ARG D 239 -37.56 -4.62 0.15
N ASN D 240 -37.68 -4.24 -1.12
CA ASN D 240 -38.28 -2.99 -1.55
C ASN D 240 -37.75 -1.78 -0.77
N PRO D 241 -36.46 -1.44 -0.99
CA PRO D 241 -35.84 -0.32 -0.28
C PRO D 241 -36.10 1.01 -0.97
N GLY D 242 -35.95 2.11 -0.23
CA GLY D 242 -36.08 3.43 -0.82
C GLY D 242 -34.89 3.58 -1.76
N GLU D 243 -35.13 4.19 -2.92
CA GLU D 243 -34.10 4.34 -3.94
C GLU D 243 -33.55 2.97 -4.34
N PRO D 244 -34.36 2.19 -5.08
CA PRO D 244 -34.04 0.82 -5.45
C PRO D 244 -32.86 0.71 -6.42
N ASP D 245 -32.67 1.75 -7.23
CA ASP D 245 -31.63 1.75 -8.26
C ASP D 245 -30.21 1.67 -7.68
N ARG D 246 -29.90 2.49 -6.67
CA ARG D 246 -28.53 2.55 -6.18
C ARG D 246 -28.16 1.28 -5.42
N GLU D 247 -29.14 0.66 -4.76
CA GLU D 247 -28.87 -0.53 -3.96
C GLU D 247 -28.76 -1.75 -4.86
N VAL D 248 -29.25 -1.62 -6.09
CA VAL D 248 -29.06 -2.63 -7.11
C VAL D 248 -27.68 -2.48 -7.73
N ARG D 249 -27.27 -1.22 -7.94
CA ARG D 249 -25.99 -0.92 -8.55
C ARG D 249 -24.80 -1.29 -7.66
N LEU D 250 -24.88 -0.96 -6.37
CA LEU D 250 -23.82 -1.31 -5.43
C LEU D 250 -23.77 -2.82 -5.25
N ALA D 251 -24.92 -3.47 -5.41
CA ALA D 251 -25.00 -4.93 -5.33
C ALA D 251 -24.28 -5.55 -6.51
N CYS D 252 -24.61 -5.09 -7.72
CA CYS D 252 -23.95 -5.57 -8.94
C CYS D 252 -22.45 -5.31 -8.89
N ARG D 253 -22.09 -4.16 -8.32
CA ARG D 253 -20.70 -3.77 -8.14
C ARG D 253 -19.90 -4.79 -7.33
N ASP D 254 -20.47 -5.23 -6.22
CA ASP D 254 -19.80 -6.21 -5.36
C ASP D 254 -19.66 -7.55 -6.07
N ILE D 255 -20.65 -7.88 -6.89
CA ILE D 255 -20.63 -9.10 -7.66
C ILE D 255 -19.48 -9.12 -8.67
N PHE D 256 -19.37 -8.04 -9.42
CA PHE D 256 -18.33 -7.90 -10.43
C PHE D 256 -16.96 -8.02 -9.76
N ARG D 257 -16.89 -7.55 -8.51
CA ARG D 257 -15.68 -7.64 -7.71
C ARG D 257 -15.44 -9.06 -7.21
N SER D 258 -16.43 -9.62 -6.52
CA SER D 258 -16.31 -10.94 -5.91
C SER D 258 -16.21 -12.07 -6.94
N SER D 259 -17.06 -12.01 -7.96
CA SER D 259 -17.10 -13.06 -8.97
C SER D 259 -16.08 -12.81 -10.08
N LYS D 260 -15.29 -11.74 -9.93
CA LYS D 260 -14.26 -11.36 -10.90
C LYS D 260 -14.82 -11.36 -12.33
N THR D 261 -15.95 -10.69 -12.51
CA THR D 261 -16.68 -10.69 -13.78
C THR D 261 -15.86 -10.17 -14.96
N LEU D 262 -15.23 -9.00 -14.78
CA LEU D 262 -14.49 -8.36 -15.87
C LEU D 262 -13.32 -9.19 -16.40
N ALA D 263 -12.59 -9.83 -15.49
CA ALA D 263 -11.43 -10.61 -15.89
C ALA D 263 -11.81 -11.91 -16.60
N LYS D 264 -13.03 -12.38 -16.35
CA LYS D 264 -13.51 -13.63 -16.93
C LYS D 264 -14.30 -13.45 -18.22
N LEU D 265 -14.73 -12.22 -18.51
CA LEU D 265 -15.54 -11.96 -19.70
C LEU D 265 -14.76 -12.21 -20.99
N ILE D 266 -13.54 -11.67 -21.07
CA ILE D 266 -12.72 -11.81 -22.27
C ILE D 266 -12.35 -13.27 -22.60
N PRO D 267 -11.90 -14.06 -21.60
CA PRO D 267 -11.61 -15.46 -21.95
C PRO D 267 -12.88 -16.25 -22.28
N LEU D 268 -14.01 -15.83 -21.73
CA LEU D 268 -15.29 -16.47 -21.99
C LEU D 268 -15.67 -16.36 -23.47
N ILE D 269 -15.48 -15.17 -24.04
CA ILE D 269 -15.81 -14.92 -25.43
C ILE D 269 -15.00 -15.81 -26.36
N GLU D 270 -13.69 -15.89 -26.11
CA GLU D 270 -12.80 -16.70 -26.94
C GLU D 270 -13.05 -18.20 -26.74
N ASP D 271 -13.52 -18.55 -25.55
CA ASP D 271 -13.86 -19.94 -25.24
C ASP D 271 -15.14 -20.35 -25.96
N VAL D 272 -16.09 -19.41 -26.04
CA VAL D 272 -17.34 -19.63 -26.74
C VAL D 272 -17.07 -19.87 -28.22
N LEU D 273 -16.24 -19.03 -28.80
CA LEU D 273 -15.90 -19.12 -30.22
C LEU D 273 -14.99 -20.33 -30.49
N MET E 2 -1.36 -7.42 7.32
CA MET E 2 -0.43 -6.32 7.04
C MET E 2 -0.70 -5.69 5.67
N SER E 3 -1.10 -4.42 5.67
CA SER E 3 -1.37 -3.71 4.42
C SER E 3 -0.75 -2.31 4.44
N MET E 4 -0.51 -1.76 3.26
CA MET E 4 0.12 -0.44 3.13
C MET E 4 -0.73 0.65 3.76
N LEU E 5 -0.07 1.67 4.29
CA LEU E 5 -0.78 2.77 4.96
C LEU E 5 -0.19 4.12 4.57
N VAL E 6 -1.06 5.11 4.35
CA VAL E 6 -0.63 6.46 3.99
C VAL E 6 -1.45 7.52 4.72
N VAL E 7 -0.75 8.40 5.43
CA VAL E 7 -1.40 9.46 6.20
C VAL E 7 -0.93 10.84 5.76
N VAL E 8 -1.89 11.70 5.44
CA VAL E 8 -1.59 13.07 5.03
C VAL E 8 -2.18 14.07 6.02
N THR E 9 -1.30 14.83 6.68
CA THR E 9 -1.72 15.79 7.69
C THR E 9 -1.49 17.24 7.24
N GLU E 10 -2.43 18.11 7.59
CA GLU E 10 -2.31 19.54 7.28
C GLU E 10 -2.72 20.38 8.47
N ASN E 11 -1.93 21.41 8.77
CA ASN E 11 -2.15 22.29 9.91
C ASN E 11 -2.29 21.49 11.21
N VAL E 12 -1.33 20.59 11.45
CA VAL E 12 -1.35 19.73 12.61
C VAL E 12 -0.19 20.08 13.55
N PRO E 13 -0.45 20.09 14.88
CA PRO E 13 0.58 20.39 15.88
C PRO E 13 1.72 19.38 15.85
N PRO E 14 2.95 19.84 16.14
CA PRO E 14 4.18 19.04 16.10
C PRO E 14 4.11 17.77 16.97
N ARG E 15 3.22 17.75 17.94
CA ARG E 15 3.04 16.57 18.80
C ARG E 15 2.68 15.34 17.98
N LEU E 16 1.73 15.51 17.07
CA LEU E 16 1.26 14.41 16.22
C LEU E 16 2.24 14.14 15.09
N ARG E 17 2.85 15.21 14.57
CA ARG E 17 3.82 15.08 13.49
C ARG E 17 5.04 14.28 13.95
N GLY E 18 5.31 14.34 15.25
CA GLY E 18 6.37 13.54 15.83
C GLY E 18 5.91 12.11 16.06
N ARG E 19 4.71 11.97 16.63
CA ARG E 19 4.13 10.67 16.92
C ARG E 19 4.03 9.77 15.68
N LEU E 20 3.65 10.36 14.55
CA LEU E 20 3.52 9.59 13.32
C LEU E 20 4.87 9.13 12.79
N ALA E 21 5.93 9.84 13.17
CA ALA E 21 7.28 9.50 12.72
C ALA E 21 7.84 8.34 13.53
N ILE E 22 7.08 7.88 14.53
CA ILE E 22 7.49 6.78 15.38
C ILE E 22 7.22 5.44 14.68
N TRP E 23 6.18 5.40 13.85
CA TRP E 23 5.83 4.19 13.14
C TRP E 23 5.96 4.36 11.63
N LEU E 24 5.61 5.54 11.14
CA LEU E 24 5.59 5.79 9.70
C LEU E 24 6.79 6.61 9.23
N LEU E 25 6.95 6.68 7.90
CA LEU E 25 8.06 7.41 7.30
C LEU E 25 7.57 8.69 6.63
N GLU E 26 8.06 9.83 7.10
CA GLU E 26 7.65 11.12 6.55
C GLU E 26 8.42 11.42 5.27
N VAL E 27 7.87 10.98 4.14
CA VAL E 27 8.53 11.15 2.86
C VAL E 27 8.46 12.59 2.36
N ARG E 28 7.33 13.26 2.62
CA ARG E 28 7.17 14.67 2.28
C ARG E 28 6.52 15.42 3.44
N ALA E 29 6.40 16.74 3.31
CA ALA E 29 5.84 17.57 4.37
C ALA E 29 4.42 17.17 4.73
N GLY E 30 4.27 16.43 5.83
CA GLY E 30 2.97 16.01 6.30
C GLY E 30 2.47 14.73 5.65
N VAL E 31 3.33 14.10 4.86
CA VAL E 31 2.97 12.86 4.17
C VAL E 31 3.71 11.67 4.76
N TYR E 32 2.96 10.74 5.34
CA TYR E 32 3.55 9.58 6.00
C TYR E 32 3.16 8.29 5.31
N VAL E 33 4.14 7.40 5.12
CA VAL E 33 3.93 6.13 4.44
C VAL E 33 4.51 4.98 5.25
N GLY E 34 3.76 3.88 5.35
CA GLY E 34 4.22 2.71 6.06
C GLY E 34 3.38 1.48 5.80
N ASP E 35 3.86 0.33 6.29
CA ASP E 35 3.14 -0.93 6.14
C ASP E 35 2.85 -1.53 7.52
N VAL E 36 1.61 -1.40 7.96
CA VAL E 36 1.21 -1.90 9.26
C VAL E 36 0.07 -2.90 9.11
N SER E 37 -0.36 -3.49 10.23
CA SER E 37 -1.48 -4.41 10.22
C SER E 37 -2.78 -3.67 10.53
N ALA E 38 -3.87 -4.42 10.57
CA ALA E 38 -5.18 -3.83 10.84
C ALA E 38 -5.22 -3.21 12.24
N LYS E 39 -4.68 -3.94 13.20
CA LYS E 39 -4.72 -3.54 14.60
C LYS E 39 -3.85 -2.31 14.87
N ILE E 40 -2.76 -2.19 14.13
CA ILE E 40 -1.85 -1.06 14.26
C ILE E 40 -2.45 0.18 13.57
N ARG E 41 -3.18 -0.04 12.48
CA ARG E 41 -3.80 1.05 11.76
C ARG E 41 -4.82 1.81 12.61
N GLU E 42 -5.59 1.07 13.40
CA GLU E 42 -6.66 1.67 14.18
C GLU E 42 -6.19 2.37 15.45
N MET E 43 -4.93 2.17 15.83
CA MET E 43 -4.39 2.90 16.97
C MET E 43 -3.77 4.20 16.50
N ILE E 44 -3.27 4.21 15.27
CA ILE E 44 -2.72 5.42 14.67
C ILE E 44 -3.86 6.41 14.46
N TRP E 45 -5.02 5.88 14.11
CA TRP E 45 -6.20 6.72 13.89
C TRP E 45 -6.65 7.35 15.19
N GLU E 46 -6.41 6.65 16.30
CA GLU E 46 -6.74 7.18 17.62
C GLU E 46 -5.75 8.26 18.02
N GLN E 47 -4.50 8.11 17.57
CA GLN E 47 -3.48 9.13 17.79
C GLN E 47 -3.82 10.39 17.01
N ILE E 48 -4.27 10.20 15.78
CA ILE E 48 -4.65 11.30 14.90
C ILE E 48 -5.88 12.03 15.44
N ALA E 49 -6.92 11.27 15.73
CA ALA E 49 -8.18 11.85 16.22
C ALA E 49 -7.97 12.62 17.52
N GLY E 50 -6.96 12.22 18.29
CA GLY E 50 -6.69 12.82 19.58
C GLY E 50 -5.76 14.01 19.54
N LEU E 51 -4.62 13.86 18.86
CA LEU E 51 -3.58 14.88 18.88
C LEU E 51 -3.78 16.00 17.86
N ALA E 52 -4.61 15.77 16.85
CA ALA E 52 -4.83 16.79 15.83
C ALA E 52 -5.80 17.87 16.30
N GLU E 53 -5.31 19.11 16.34
CA GLU E 53 -6.13 20.26 16.73
C GLU E 53 -6.39 21.19 15.55
N GLU E 54 -7.67 21.41 15.25
CA GLU E 54 -8.08 22.30 14.17
C GLU E 54 -7.40 22.00 12.84
N GLY E 55 -6.92 20.77 12.68
CA GLY E 55 -6.24 20.36 11.48
C GLY E 55 -6.98 19.26 10.76
N ASN E 56 -6.75 19.16 9.45
CA ASN E 56 -7.40 18.13 8.66
C ASN E 56 -6.43 17.03 8.25
N VAL E 57 -6.84 15.78 8.50
CA VAL E 57 -6.00 14.64 8.19
C VAL E 57 -6.81 13.58 7.45
N VAL E 58 -6.20 12.97 6.44
CA VAL E 58 -6.83 11.86 5.73
C VAL E 58 -5.90 10.64 5.72
N MET E 59 -6.48 9.48 5.99
CA MET E 59 -5.71 8.24 6.06
C MET E 59 -6.21 7.22 5.05
N ALA E 60 -5.31 6.76 4.18
CA ALA E 60 -5.66 5.78 3.15
C ALA E 60 -4.84 4.49 3.31
N TRP E 61 -5.51 3.35 3.27
CA TRP E 61 -4.85 2.07 3.41
C TRP E 61 -5.30 1.06 2.36
N ALA E 62 -4.48 0.07 2.09
CA ALA E 62 -4.80 -0.94 1.08
C ALA E 62 -5.74 -2.00 1.64
N THR E 63 -6.75 -2.36 0.85
CA THR E 63 -7.69 -3.42 1.24
C THR E 63 -7.99 -4.34 0.06
N ASN E 64 -9.03 -5.15 0.22
CA ASN E 64 -9.50 -6.02 -0.85
C ASN E 64 -10.85 -5.57 -1.37
N THR E 65 -11.05 -4.25 -1.42
CA THR E 65 -12.27 -3.69 -1.99
C THR E 65 -12.13 -3.58 -3.50
N GLU E 66 -13.16 -3.05 -4.15
CA GLU E 66 -13.14 -2.90 -5.61
C GLU E 66 -12.02 -1.96 -6.05
N THR E 67 -11.89 -0.83 -5.37
CA THR E 67 -10.85 0.14 -5.69
C THR E 67 -9.47 -0.39 -5.30
N GLY E 68 -9.43 -1.28 -4.33
CA GLY E 68 -8.17 -1.81 -3.83
C GLY E 68 -7.69 -1.09 -2.58
N PHE E 69 -8.41 -0.04 -2.19
CA PHE E 69 -8.07 0.73 -1.01
C PHE E 69 -9.26 1.50 -0.48
N GLU E 70 -9.20 1.88 0.80
CA GLU E 70 -10.22 2.72 1.41
C GLU E 70 -9.57 3.86 2.18
N PHE E 71 -10.34 4.89 2.47
CA PHE E 71 -9.79 6.03 3.21
C PHE E 71 -10.85 6.75 4.06
N GLN E 72 -10.44 7.18 5.25
CA GLN E 72 -11.31 7.98 6.11
C GLN E 72 -10.64 9.32 6.41
N THR E 73 -11.45 10.34 6.66
CA THR E 73 -10.94 11.68 6.89
C THR E 73 -11.25 12.21 8.29
N PHE E 74 -10.52 13.23 8.70
CA PHE E 74 -10.75 13.90 9.97
C PHE E 74 -10.55 15.41 9.77
N GLY E 75 -11.47 16.20 10.29
CA GLY E 75 -11.39 17.64 10.15
C GLY E 75 -11.94 18.12 8.82
N LEU E 76 -11.96 19.43 8.63
CA LEU E 76 -12.52 20.02 7.42
C LEU E 76 -11.46 20.39 6.39
N ASN E 77 -11.80 20.19 5.12
CA ASN E 77 -10.91 20.53 4.01
C ASN E 77 -11.72 20.77 2.74
N ARG E 78 -11.12 21.46 1.78
CA ARG E 78 -11.81 21.78 0.53
C ARG E 78 -12.10 20.49 -0.25
N ARG E 79 -11.32 19.46 0.01
CA ARG E 79 -11.53 18.17 -0.62
C ARG E 79 -12.19 17.17 0.32
N THR E 80 -13.52 17.10 0.26
CA THR E 80 -14.29 16.17 1.07
C THR E 80 -14.72 14.97 0.25
N PRO E 81 -14.81 13.78 0.89
CA PRO E 81 -15.23 12.57 0.18
C PRO E 81 -16.67 12.60 -0.31
N VAL E 82 -16.93 11.92 -1.43
CA VAL E 82 -18.26 11.87 -2.03
C VAL E 82 -18.59 10.43 -2.42
N ASP E 83 -19.81 10.00 -2.10
CA ASP E 83 -20.23 8.63 -2.39
C ASP E 83 -20.96 8.49 -3.72
N LEU E 84 -20.37 7.72 -4.62
CA LEU E 84 -20.96 7.46 -5.94
C LEU E 84 -21.38 5.99 -6.07
N ASP E 85 -22.53 5.66 -5.49
CA ASP E 85 -23.08 4.30 -5.52
C ASP E 85 -22.10 3.28 -4.93
N GLY E 86 -21.65 3.54 -3.70
CA GLY E 86 -20.74 2.63 -3.03
C GLY E 86 -19.28 3.00 -3.26
N LEU E 87 -18.99 3.55 -4.42
CA LEU E 87 -17.63 3.96 -4.76
C LEU E 87 -17.41 5.36 -4.19
N ARG E 88 -16.35 5.52 -3.41
CA ARG E 88 -16.07 6.80 -2.76
C ARG E 88 -14.99 7.62 -3.47
N LEU E 89 -15.37 8.80 -3.94
CA LEU E 89 -14.42 9.73 -4.55
C LEU E 89 -14.39 11.04 -3.77
N VAL E 90 -13.58 11.99 -4.21
CA VAL E 90 -13.43 13.26 -3.52
C VAL E 90 -13.70 14.45 -4.45
N SER E 91 -14.46 15.42 -3.95
CA SER E 91 -14.82 16.59 -4.74
C SER E 91 -14.10 17.85 -4.26
N PHE E 92 -13.92 18.81 -5.17
CA PHE E 92 -13.21 20.04 -4.87
C PHE E 92 -14.18 21.20 -4.63
N LEU E 93 -14.39 21.55 -3.37
CA LEU E 93 -15.30 22.62 -3.01
C LEU E 93 -14.63 23.99 -3.09
N PRO E 94 -15.27 24.95 -3.77
CA PRO E 94 -14.75 26.31 -3.91
C PRO E 94 -15.24 27.24 -2.82
N MET F 2 -1.07 -6.55 -8.80
CA MET F 2 -1.69 -5.26 -8.47
C MET F 2 -1.45 -4.87 -7.02
N SER F 3 -0.77 -3.74 -6.82
CA SER F 3 -0.46 -3.25 -5.49
C SER F 3 -0.77 -1.76 -5.36
N MET F 4 -0.95 -1.29 -4.12
CA MET F 4 -1.32 0.10 -3.85
C MET F 4 -0.25 1.06 -4.37
N LEU F 5 -0.70 2.26 -4.77
CA LEU F 5 0.20 3.25 -5.35
C LEU F 5 -0.06 4.64 -4.78
N VAL F 6 1.02 5.37 -4.48
CA VAL F 6 0.90 6.72 -3.94
C VAL F 6 1.91 7.68 -4.57
N VAL F 7 1.40 8.77 -5.12
CA VAL F 7 2.24 9.76 -5.78
C VAL F 7 2.07 11.14 -5.15
N VAL F 8 3.17 11.74 -4.74
CA VAL F 8 3.15 13.08 -4.17
C VAL F 8 3.96 14.04 -5.05
N THR F 9 3.28 15.03 -5.61
CA THR F 9 3.91 15.97 -6.51
C THR F 9 3.96 17.38 -5.92
N GLU F 10 5.08 18.08 -6.15
CA GLU F 10 5.24 19.44 -5.68
C GLU F 10 5.86 20.32 -6.77
N ASN F 11 5.32 21.52 -6.92
CA ASN F 11 5.76 22.46 -7.94
C ASN F 11 5.78 21.84 -9.34
N VAL F 12 4.67 21.21 -9.70
CA VAL F 12 4.54 20.52 -10.98
C VAL F 12 3.53 21.22 -11.88
N PRO F 13 3.83 21.30 -13.18
CA PRO F 13 2.91 21.92 -14.14
C PRO F 13 1.56 21.20 -14.19
N PRO F 14 0.47 21.96 -14.41
CA PRO F 14 -0.90 21.43 -14.42
C PRO F 14 -1.09 20.26 -15.39
N ARG F 15 -0.21 20.14 -16.38
CA ARG F 15 -0.28 19.04 -17.34
C ARG F 15 -0.20 17.69 -16.65
N LEU F 16 0.75 17.57 -15.73
CA LEU F 16 0.96 16.32 -15.01
C LEU F 16 -0.08 16.10 -13.93
N ARG F 17 -0.50 17.19 -13.29
CA ARG F 17 -1.52 17.12 -12.24
C ARG F 17 -2.84 16.61 -12.78
N GLY F 18 -3.09 16.87 -14.06
CA GLY F 18 -4.28 16.36 -14.73
C GLY F 18 -4.12 14.91 -15.13
N ARG F 19 -2.97 14.57 -15.72
CA ARG F 19 -2.68 13.22 -16.17
C ARG F 19 -2.78 12.20 -15.04
N LEU F 20 -2.31 12.57 -13.86
CA LEU F 20 -2.35 11.67 -12.71
C LEU F 20 -3.79 11.46 -12.23
N ALA F 21 -4.66 12.43 -12.50
CA ALA F 21 -6.05 12.35 -12.08
C ALA F 21 -6.86 11.41 -12.98
N ILE F 22 -6.23 10.92 -14.02
CA ILE F 22 -6.89 10.02 -14.97
C ILE F 22 -6.92 8.59 -14.44
N TRP F 23 -5.91 8.23 -13.65
CA TRP F 23 -5.83 6.88 -13.10
C TRP F 23 -5.91 6.87 -11.57
N LEU F 24 -5.30 7.87 -10.94
CA LEU F 24 -5.24 7.90 -9.48
C LEU F 24 -6.23 8.90 -8.90
N LEU F 25 -6.40 8.85 -7.58
CA LEU F 25 -7.35 9.72 -6.90
C LEU F 25 -6.63 10.81 -6.11
N GLU F 26 -6.89 12.07 -6.47
CA GLU F 26 -6.26 13.20 -5.80
C GLU F 26 -6.96 13.53 -4.48
N VAL F 27 -6.50 12.90 -3.41
CA VAL F 27 -7.11 13.08 -2.10
C VAL F 27 -6.72 14.42 -1.48
N ARG F 28 -5.49 14.85 -1.70
CA ARG F 28 -5.02 16.16 -1.24
C ARG F 28 -4.22 16.84 -2.34
N ALA F 29 -3.81 18.09 -2.10
CA ALA F 29 -3.11 18.89 -3.10
C ALA F 29 -1.80 18.23 -3.54
N GLY F 30 -1.84 17.58 -4.69
CA GLY F 30 -0.67 16.93 -5.25
C GLY F 30 -0.47 15.53 -4.74
N VAL F 31 -1.45 15.02 -3.99
CA VAL F 31 -1.36 13.67 -3.43
C VAL F 31 -2.34 12.73 -4.11
N TYR F 32 -1.81 11.73 -4.80
CA TYR F 32 -2.63 10.80 -5.57
C TYR F 32 -2.50 9.38 -5.04
N VAL F 33 -3.64 8.69 -4.91
CA VAL F 33 -3.65 7.32 -4.40
C VAL F 33 -4.51 6.41 -5.28
N GLY F 34 -4.00 5.21 -5.56
CA GLY F 34 -4.72 4.25 -6.37
C GLY F 34 -4.11 2.87 -6.29
N ASP F 35 -4.79 1.89 -6.88
CA ASP F 35 -4.30 0.51 -6.90
C ASP F 35 -4.12 0.02 -8.33
N VAL F 36 -2.88 -0.03 -8.80
CA VAL F 36 -2.57 -0.46 -10.16
C VAL F 36 -1.61 -1.65 -10.15
N SER F 37 -1.30 -2.17 -11.33
CA SER F 37 -0.34 -3.27 -11.45
C SER F 37 1.07 -2.74 -11.69
N ALA F 38 2.03 -3.65 -11.82
CA ALA F 38 3.43 -3.25 -11.98
C ALA F 38 3.68 -2.49 -13.28
N LYS F 39 3.17 -3.01 -14.39
CA LYS F 39 3.43 -2.40 -15.70
C LYS F 39 2.71 -1.05 -15.84
N ILE F 40 1.56 -0.93 -15.18
CA ILE F 40 0.81 0.32 -15.21
C ILE F 40 1.51 1.35 -14.33
N ARG F 41 2.11 0.88 -13.24
CA ARG F 41 2.84 1.75 -12.32
C ARG F 41 4.04 2.40 -13.01
N GLU F 42 4.75 1.61 -13.83
CA GLU F 42 5.94 2.09 -14.50
C GLU F 42 5.57 2.95 -15.70
N MET F 43 4.30 2.98 -16.03
CA MET F 43 3.81 3.87 -17.08
C MET F 43 3.49 5.22 -16.46
N ILE F 44 3.08 5.20 -15.19
CA ILE F 44 2.83 6.41 -14.43
C ILE F 44 4.14 7.15 -14.20
N TRP F 45 5.20 6.39 -13.96
CA TRP F 45 6.51 6.96 -13.69
C TRP F 45 7.09 7.66 -14.92
N GLU F 46 6.74 7.17 -16.11
CA GLU F 46 7.19 7.80 -17.34
C GLU F 46 6.40 9.09 -17.58
N GLN F 47 5.16 9.10 -17.14
CA GLN F 47 4.35 10.31 -17.21
C GLN F 47 4.95 11.37 -16.30
N ILE F 48 5.38 10.94 -15.12
CA ILE F 48 5.98 11.84 -14.15
C ILE F 48 7.33 12.36 -14.64
N ALA F 49 8.21 11.45 -15.04
CA ALA F 49 9.55 11.82 -15.46
C ALA F 49 9.55 12.74 -16.69
N GLY F 50 8.50 12.63 -17.50
CA GLY F 50 8.40 13.41 -18.72
C GLY F 50 7.73 14.75 -18.55
N LEU F 51 6.57 14.76 -17.89
CA LEU F 51 5.75 15.96 -17.80
C LEU F 51 6.14 16.89 -16.66
N ALA F 52 6.87 16.38 -15.67
CA ALA F 52 7.28 17.21 -14.54
C ALA F 52 8.47 18.08 -14.90
N GLU F 53 8.28 19.39 -14.84
CA GLU F 53 9.34 20.35 -15.12
C GLU F 53 9.74 21.11 -13.86
N GLU F 54 11.02 21.05 -13.51
CA GLU F 54 11.56 21.72 -12.33
C GLU F 54 10.80 21.41 -11.04
N GLY F 55 10.10 20.28 -11.02
CA GLY F 55 9.32 19.89 -9.86
C GLY F 55 9.81 18.59 -9.25
N ASN F 56 9.55 18.39 -7.97
CA ASN F 56 9.97 17.17 -7.30
C ASN F 56 8.78 16.25 -7.02
N VAL F 57 8.92 14.99 -7.40
CA VAL F 57 7.85 14.01 -7.23
C VAL F 57 8.38 12.72 -6.61
N VAL F 58 7.62 12.14 -5.68
CA VAL F 58 7.97 10.84 -5.12
C VAL F 58 6.80 9.86 -5.28
N MET F 59 7.13 8.64 -5.69
CA MET F 59 6.10 7.62 -5.90
C MET F 59 6.36 6.39 -5.03
N ALA F 60 5.37 6.03 -4.22
CA ALA F 60 5.50 4.87 -3.33
C ALA F 60 4.46 3.81 -3.65
N TRP F 61 4.92 2.56 -3.73
CA TRP F 61 4.03 1.44 -4.02
C TRP F 61 4.27 0.28 -3.07
N ALA F 62 3.26 -0.56 -2.89
CA ALA F 62 3.34 -1.69 -1.97
C ALA F 62 4.07 -2.87 -2.59
N THR F 63 4.96 -3.49 -1.82
CA THR F 63 5.67 -4.70 -2.25
C THR F 63 5.76 -5.70 -1.12
N ASN F 64 6.60 -6.71 -1.30
CA ASN F 64 6.86 -7.70 -0.25
C ASN F 64 8.28 -7.57 0.25
N THR F 65 8.76 -6.32 0.32
CA THR F 65 10.10 -6.04 0.84
C THR F 65 10.08 -5.95 2.36
N GLU F 66 11.23 -5.64 2.94
CA GLU F 66 11.36 -5.53 4.39
C GLU F 66 10.42 -4.46 4.95
N THR F 67 10.38 -3.31 4.30
CA THR F 67 9.49 -2.24 4.72
C THR F 67 8.05 -2.58 4.41
N GLY F 68 7.85 -3.41 3.39
CA GLY F 68 6.51 -3.75 2.94
C GLY F 68 6.14 -2.87 1.76
N PHE F 69 7.02 -1.94 1.44
CA PHE F 69 6.81 -1.01 0.33
C PHE F 69 8.13 -0.43 -0.17
N GLU F 70 8.11 0.11 -1.38
CA GLU F 70 9.27 0.76 -1.96
C GLU F 70 8.86 2.14 -2.49
N PHE F 71 9.84 3.00 -2.74
CA PHE F 71 9.56 4.34 -3.23
C PHE F 71 10.68 4.89 -4.12
N GLN F 72 10.28 5.62 -5.16
CA GLN F 72 11.22 6.28 -6.05
C GLN F 72 10.99 7.79 -6.06
N THR F 73 12.06 8.54 -6.30
CA THR F 73 11.97 10.00 -6.32
C THR F 73 12.35 10.57 -7.68
N PHE F 74 11.91 11.79 -7.94
CA PHE F 74 12.28 12.50 -9.15
C PHE F 74 12.46 13.98 -8.84
N GLY F 75 13.56 14.56 -9.31
CA GLY F 75 13.84 15.97 -9.04
C GLY F 75 14.48 16.18 -7.69
N LEU F 76 14.81 17.43 -7.39
CA LEU F 76 15.48 17.76 -6.13
C LEU F 76 14.50 18.30 -5.10
N ASN F 77 14.71 17.90 -3.84
CA ASN F 77 13.90 18.38 -2.73
C ASN F 77 14.69 18.25 -1.42
N ARG F 78 14.26 18.98 -0.39
CA ARG F 78 14.96 18.96 0.90
C ARG F 78 14.92 17.59 1.56
N ARG F 79 13.91 16.80 1.19
CA ARG F 79 13.78 15.46 1.73
C ARG F 79 14.25 14.42 0.71
N THR F 80 15.52 14.03 0.80
CA THR F 80 16.10 13.06 -0.10
C THR F 80 16.23 11.68 0.55
N PRO F 81 16.07 10.62 -0.25
CA PRO F 81 16.19 9.24 0.26
C PRO F 81 17.60 8.90 0.72
N VAL F 82 17.69 8.06 1.75
CA VAL F 82 18.99 7.64 2.30
C VAL F 82 19.00 6.13 2.56
N ASP F 83 20.09 5.47 2.15
CA ASP F 83 20.21 4.02 2.30
C ASP F 83 20.97 3.61 3.56
N LEU F 84 20.31 2.89 4.45
CA LEU F 84 20.94 2.41 5.67
C LEU F 84 21.09 0.90 5.64
N ASP F 85 22.11 0.43 4.92
CA ASP F 85 22.39 -1.00 4.77
C ASP F 85 21.21 -1.72 4.15
N GLY F 86 20.78 -1.26 2.98
CA GLY F 86 19.66 -1.87 2.28
C GLY F 86 18.35 -1.16 2.57
N LEU F 87 18.24 -0.59 3.77
CA LEU F 87 17.05 0.12 4.19
C LEU F 87 17.01 1.55 3.67
N ARG F 88 15.92 1.91 3.02
CA ARG F 88 15.77 3.25 2.46
C ARG F 88 14.90 4.14 3.35
N LEU F 89 15.51 5.20 3.88
CA LEU F 89 14.79 6.20 4.65
C LEU F 89 14.97 7.55 3.98
N VAL F 90 14.39 8.60 4.56
CA VAL F 90 14.50 9.94 3.98
C VAL F 90 15.08 10.91 5.02
N SER F 91 16.02 11.73 4.58
CA SER F 91 16.68 12.68 5.46
C SER F 91 16.26 14.12 5.16
N PHE F 92 16.34 14.97 6.18
CA PHE F 92 15.94 16.37 6.06
C PHE F 92 17.16 17.27 5.92
N LEU F 93 17.42 17.75 4.71
CA LEU F 93 18.59 18.58 4.44
C LEU F 93 18.32 20.04 4.81
N PRO F 94 19.23 20.63 5.61
CA PRO F 94 19.10 22.02 6.04
C PRO F 94 19.79 23.03 5.12
N VAL F 95 18.99 23.82 4.40
CA VAL F 95 19.46 24.89 3.52
C VAL F 95 20.73 24.55 2.74
#